data_3V0V
#
_entry.id   3V0V
#
_cell.length_a   134.886
_cell.length_b   48.201
_cell.length_c   140.131
_cell.angle_alpha   90.000
_cell.angle_beta   110.550
_cell.angle_gamma   90.000
#
_symmetry.space_group_name_H-M   'C 1 2 1'
#
loop_
_entity.id
_entity.type
_entity.pdbx_description
1 polymer 'WN1 222-5 Fab (IgG2a) light chain'
2 polymer 'WN1 222-5 Fab (IgG2a) heavy chain'
3 water water
#
loop_
_entity_poly.entity_id
_entity_poly.type
_entity_poly.pdbx_seq_one_letter_code
_entity_poly.pdbx_strand_id
1 'polypeptide(L)'
;DIQMNQSPSSLSASLGDTISITCRASQNINIWLSWYQQKPGNVPKLLIYKASNLHTGVPSRFSGSGSGTDFTLIISSLQP
EDIATYYCLQGQSYPRTFGGGTKLEIKRGDAAPTVSIFPPSSEQLTSGGASVVCFLNNFYPKDINVKWKIDGSERQNGVL
NSWTDQDSKDSTYSMSSTLTLTKDEYERHNSYTCEATHKTSTSPIVKSFNRG
;
L,B
2 'polypeptide(L)'
;EVKLVESGGGLVQPGGSLSLSCAASGFTFSDYYMTWVRQAPGKAPEWLALIRNKRNGDTAEYSASVKGRFTISRDYSRSI
LHLQMNALRTEDSATYYCVRQGRGYTLDYWGQGTSVTVSSAKTTAPSVYPLAPVCGDTTGSSVTLGCLVKGYFPEPVTLT
WNSGSLSSGVHTFPAVLQSGLYTLSSSVTVTSSTWPSQSITCNVAHPASSTKVDKKIEPE
;
H,A
#
# COMPACT_ATOMS: atom_id res chain seq x y z
N ASP A 1 -32.39 -5.00 16.48
CA ASP A 1 -31.93 -3.96 15.57
C ASP A 1 -32.17 -4.35 14.12
N ILE A 2 -32.71 -3.42 13.34
CA ILE A 2 -32.99 -3.66 11.93
C ILE A 2 -31.75 -3.34 11.09
N GLN A 3 -31.31 -4.30 10.28
CA GLN A 3 -30.18 -4.08 9.40
C GLN A 3 -30.66 -3.69 8.01
N MET A 4 -30.08 -2.64 7.45
CA MET A 4 -30.42 -2.19 6.11
C MET A 4 -29.33 -2.56 5.11
N ASN A 5 -29.67 -3.47 4.19
CA ASN A 5 -28.74 -3.90 3.16
C ASN A 5 -28.99 -3.21 1.84
N GLN A 6 -28.05 -2.34 1.44
CA GLN A 6 -28.15 -1.60 0.21
C GLN A 6 -27.20 -2.18 -0.82
N SER A 7 -27.74 -2.69 -1.92
CA SER A 7 -26.88 -3.28 -2.95
C SER A 7 -26.28 -2.19 -3.86
N PRO A 8 -25.90 -2.52 -5.10
CA PRO A 8 -24.87 -1.69 -5.71
C PRO A 8 -24.20 -0.73 -4.72
N SER A 9 -23.17 -1.22 -4.05
CA SER A 9 -22.36 -0.37 -3.18
C SER A 9 -21.72 0.71 -4.03
N SER A 10 -21.38 0.34 -5.25
CA SER A 10 -20.87 1.27 -6.25
C SER A 10 -21.55 0.99 -7.57
N LEU A 11 -21.89 2.06 -8.30
CA LEU A 11 -22.61 1.90 -9.55
C LEU A 11 -22.05 2.79 -10.65
N SER A 12 -21.55 2.17 -11.70
CA SER A 12 -21.00 2.89 -12.84
C SER A 12 -22.04 2.98 -13.96
N ALA A 13 -22.37 4.20 -14.37
CA ALA A 13 -23.36 4.41 -15.41
C ALA A 13 -23.01 5.59 -16.31
N SER A 14 -23.86 5.83 -17.30
CA SER A 14 -23.68 6.95 -18.20
C SER A 14 -24.81 7.96 -18.03
N LEU A 15 -24.51 9.23 -18.28
CA LEU A 15 -25.53 10.27 -18.28
C LEU A 15 -26.69 9.89 -19.19
N GLY A 16 -27.90 10.07 -18.69
CA GLY A 16 -29.10 9.75 -19.45
C GLY A 16 -29.60 8.36 -19.16
N ASP A 17 -28.77 7.56 -18.50
CA ASP A 17 -29.14 6.19 -18.15
C ASP A 17 -30.28 6.19 -17.13
N THR A 18 -31.02 5.09 -17.12
CA THR A 18 -31.95 4.80 -16.05
C THR A 18 -31.29 3.79 -15.13
N ILE A 19 -31.14 4.13 -13.86
CA ILE A 19 -30.53 3.22 -12.90
C ILE A 19 -31.41 3.04 -11.68
N SER A 20 -31.18 1.96 -10.94
CA SER A 20 -31.95 1.68 -9.75
C SER A 20 -31.05 1.26 -8.58
N ILE A 21 -31.42 1.71 -7.38
CA ILE A 21 -30.71 1.38 -6.16
C ILE A 21 -31.68 0.65 -5.21
N THR A 22 -31.19 -0.38 -4.53
CA THR A 22 -32.04 -1.25 -3.73
C THR A 22 -31.71 -1.24 -2.24
N CYS A 23 -32.76 -1.46 -1.45
CA CYS A 23 -32.65 -1.43 -0.01
C CYS A 23 -33.43 -2.61 0.60
N ARG A 24 -32.75 -3.54 1.27
CA ARG A 24 -33.44 -4.69 1.88
C ARG A 24 -33.34 -4.62 3.41
N ALA A 25 -34.49 -4.50 4.07
CA ALA A 25 -34.52 -4.47 5.54
C ALA A 25 -34.62 -5.89 6.09
N SER A 26 -33.83 -6.18 7.12
CA SER A 26 -33.83 -7.49 7.75
C SER A 26 -35.12 -7.72 8.54
N GLN A 27 -36.00 -6.73 8.53
CA GLN A 27 -37.26 -6.82 9.23
C GLN A 27 -38.29 -5.91 8.55
N ASN A 28 -39.53 -6.36 8.49
CA ASN A 28 -40.58 -5.55 7.88
C ASN A 28 -40.64 -4.16 8.49
N ILE A 29 -40.54 -3.14 7.65
CA ILE A 29 -40.60 -1.76 8.13
C ILE A 29 -41.72 -0.99 7.46
N ASN A 30 -42.71 -1.71 6.94
CA ASN A 30 -43.85 -1.10 6.29
C ASN A 30 -43.45 -0.11 5.21
N ILE A 31 -43.86 1.15 5.37
CA ILE A 31 -43.59 2.19 4.39
C ILE A 31 -42.56 3.19 4.93
N TRP A 32 -42.02 2.90 6.11
CA TRP A 32 -41.13 3.82 6.81
C TRP A 32 -39.70 3.74 6.27
N LEU A 33 -39.52 4.18 5.03
CA LEU A 33 -38.23 4.15 4.37
C LEU A 33 -38.06 5.43 3.57
N SER A 34 -36.92 6.08 3.71
CA SER A 34 -36.64 7.30 2.97
C SER A 34 -35.28 7.23 2.27
N TRP A 35 -35.12 8.02 1.21
CA TRP A 35 -33.88 8.02 0.43
C TRP A 35 -33.19 9.37 0.49
N TYR A 36 -31.87 9.37 0.53
CA TYR A 36 -31.11 10.60 0.66
C TYR A 36 -29.99 10.69 -0.37
N GLN A 37 -29.71 11.92 -0.79
CA GLN A 37 -28.61 12.18 -1.71
C GLN A 37 -27.53 12.98 -0.99
N GLN A 38 -26.28 12.58 -1.16
CA GLN A 38 -25.18 13.37 -0.60
C GLN A 38 -24.08 13.59 -1.63
N LYS A 39 -23.97 14.84 -2.08
CA LYS A 39 -22.87 15.24 -2.95
C LYS A 39 -21.61 15.40 -2.11
N PRO A 40 -20.44 15.14 -2.73
CA PRO A 40 -19.18 15.35 -2.00
C PRO A 40 -19.07 16.77 -1.47
N GLY A 41 -18.74 16.91 -0.20
CA GLY A 41 -18.59 18.22 0.40
C GLY A 41 -19.88 18.80 0.93
N ASN A 42 -20.99 18.09 0.69
CA ASN A 42 -22.29 18.58 1.11
C ASN A 42 -23.01 17.67 2.10
N VAL A 43 -24.11 18.18 2.65
CA VAL A 43 -24.92 17.46 3.62
C VAL A 43 -25.99 16.64 2.88
N PRO A 44 -26.34 15.46 3.42
CA PRO A 44 -27.39 14.65 2.81
C PRO A 44 -28.69 15.43 2.62
N LYS A 45 -29.37 15.19 1.51
CA LYS A 45 -30.65 15.83 1.22
C LYS A 45 -31.73 14.77 1.06
N LEU A 46 -32.92 15.05 1.60
CA LEU A 46 -34.03 14.12 1.51
C LEU A 46 -34.59 14.07 0.08
N LEU A 47 -34.71 12.87 -0.47
CA LEU A 47 -35.25 12.68 -1.82
C LEU A 47 -36.67 12.13 -1.78
N ILE A 48 -36.81 10.98 -1.14
CA ILE A 48 -38.08 10.27 -1.08
C ILE A 48 -38.46 9.98 0.37
N TYR A 49 -39.72 10.20 0.72
CA TYR A 49 -40.20 9.85 2.06
C TYR A 49 -41.40 8.93 1.99
N LYS A 50 -41.61 8.15 3.04
CA LYS A 50 -42.64 7.13 3.05
C LYS A 50 -42.55 6.24 1.81
N ALA A 51 -41.32 5.86 1.47
CA ALA A 51 -41.04 4.87 0.44
C ALA A 51 -41.24 5.33 -1.00
N SER A 52 -42.25 6.14 -1.26
CA SER A 52 -42.60 6.50 -2.64
C SER A 52 -43.00 7.95 -2.83
N ASN A 53 -42.90 8.75 -1.79
CA ASN A 53 -43.34 10.15 -1.86
C ASN A 53 -42.19 11.12 -2.13
N LEU A 54 -42.31 11.87 -3.22
CA LEU A 54 -41.27 12.79 -3.64
C LEU A 54 -41.21 14.02 -2.75
N HIS A 55 -40.03 14.34 -2.25
CA HIS A 55 -39.84 15.51 -1.40
C HIS A 55 -40.02 16.78 -2.22
N THR A 56 -40.38 17.88 -1.56
CA THR A 56 -40.82 19.10 -2.22
C THR A 56 -39.93 19.58 -3.38
N GLY A 57 -38.63 19.66 -3.14
CA GLY A 57 -37.73 20.23 -4.14
C GLY A 57 -37.09 19.21 -5.08
N VAL A 58 -37.58 17.98 -5.06
CA VAL A 58 -36.96 16.90 -5.82
C VAL A 58 -37.61 16.69 -7.19
N PRO A 59 -36.78 16.63 -8.25
CA PRO A 59 -37.24 16.44 -9.63
C PRO A 59 -37.97 15.11 -9.84
N SER A 60 -38.86 15.07 -10.82
CA SER A 60 -39.69 13.90 -11.07
C SER A 60 -38.90 12.68 -11.56
N ARG A 61 -37.66 12.89 -11.98
CA ARG A 61 -36.85 11.77 -12.46
C ARG A 61 -36.47 10.84 -11.31
N PHE A 62 -36.69 11.31 -10.08
CA PHE A 62 -36.49 10.50 -8.89
C PHE A 62 -37.80 9.84 -8.48
N SER A 63 -37.77 8.52 -8.32
CA SER A 63 -38.95 7.81 -7.82
C SER A 63 -38.53 6.63 -6.95
N GLY A 64 -39.38 6.29 -5.99
CA GLY A 64 -39.13 5.19 -5.08
C GLY A 64 -40.33 4.28 -4.96
N SER A 65 -40.10 3.05 -4.50
CA SER A 65 -41.18 2.08 -4.38
C SER A 65 -40.81 0.95 -3.43
N GLY A 66 -41.80 0.15 -3.05
CA GLY A 66 -41.56 -1.02 -2.23
C GLY A 66 -42.29 -0.98 -0.91
N SER A 67 -42.53 -2.17 -0.35
CA SER A 67 -43.14 -2.29 0.96
C SER A 67 -42.48 -3.42 1.73
N GLY A 68 -42.55 -3.34 3.05
CA GLY A 68 -42.04 -4.40 3.90
C GLY A 68 -40.53 -4.40 4.04
N THR A 69 -39.87 -5.21 3.23
CA THR A 69 -38.42 -5.42 3.38
C THR A 69 -37.63 -5.05 2.13
N ASP A 70 -38.31 -4.88 1.01
CA ASP A 70 -37.64 -4.58 -0.25
C ASP A 70 -38.06 -3.24 -0.84
N PHE A 71 -37.08 -2.36 -1.05
CA PHE A 71 -37.33 -1.02 -1.56
C PHE A 71 -36.34 -0.66 -2.66
N THR A 72 -36.80 0.12 -3.64
CA THR A 72 -35.95 0.52 -4.77
C THR A 72 -36.06 2.00 -5.09
N LEU A 73 -34.91 2.63 -5.27
CA LEU A 73 -34.86 4.00 -5.76
C LEU A 73 -34.46 4.01 -7.22
N ILE A 74 -35.26 4.67 -8.05
CA ILE A 74 -34.97 4.74 -9.49
C ILE A 74 -34.65 6.16 -9.92
N ILE A 75 -33.53 6.32 -10.61
CA ILE A 75 -33.21 7.59 -11.23
C ILE A 75 -33.28 7.43 -12.74
N SER A 76 -34.30 8.03 -13.35
CA SER A 76 -34.43 8.00 -14.80
C SER A 76 -33.65 9.16 -15.39
N SER A 77 -32.96 8.91 -16.49
CA SER A 77 -32.21 9.95 -17.19
C SER A 77 -31.19 10.62 -16.26
N LEU A 78 -30.16 9.87 -15.89
CA LEU A 78 -29.13 10.34 -14.97
C LEU A 78 -28.48 11.65 -15.44
N GLN A 79 -28.40 12.63 -14.54
CA GLN A 79 -27.79 13.91 -14.87
C GLN A 79 -26.48 14.11 -14.11
N PRO A 80 -25.65 15.06 -14.56
CA PRO A 80 -24.35 15.33 -13.91
C PRO A 80 -24.51 15.67 -12.43
N GLU A 81 -25.54 16.42 -12.09
CA GLU A 81 -25.76 16.81 -10.69
C GLU A 81 -26.31 15.67 -9.86
N ASP A 82 -26.62 14.55 -10.51
CA ASP A 82 -27.11 13.37 -9.80
C ASP A 82 -25.95 12.51 -9.32
N ILE A 83 -24.76 12.75 -9.85
CA ILE A 83 -23.58 12.00 -9.44
C ILE A 83 -23.31 12.28 -7.97
N ALA A 84 -23.51 11.27 -7.13
CA ALA A 84 -23.38 11.43 -5.69
C ALA A 84 -23.47 10.07 -5.00
N THR A 85 -23.54 10.10 -3.67
CA THR A 85 -23.78 8.89 -2.90
C THR A 85 -25.21 8.92 -2.37
N TYR A 86 -25.89 7.77 -2.44
CA TYR A 86 -27.27 7.67 -2.01
C TYR A 86 -27.41 6.70 -0.84
N TYR A 87 -28.21 7.09 0.15
CA TYR A 87 -28.45 6.26 1.32
C TYR A 87 -29.93 6.04 1.54
N CYS A 88 -30.29 4.86 2.03
CA CYS A 88 -31.65 4.64 2.50
C CYS A 88 -31.70 4.67 4.03
N LEU A 89 -32.86 4.96 4.60
CA LEU A 89 -33.00 5.04 6.05
C LEU A 89 -34.36 4.51 6.49
N GLN A 90 -34.35 3.55 7.41
CA GLN A 90 -35.60 3.07 7.99
C GLN A 90 -35.95 3.89 9.23
N GLY A 91 -37.21 4.29 9.32
CA GLY A 91 -37.68 5.09 10.44
C GLY A 91 -38.80 4.42 11.20
N GLN A 92 -38.76 3.09 11.28
CA GLN A 92 -39.79 2.36 12.01
C GLN A 92 -39.38 2.03 13.44
N SER A 93 -38.16 1.54 13.61
CA SER A 93 -37.71 1.08 14.92
C SER A 93 -36.38 1.71 15.33
N TYR A 94 -36.15 1.76 16.64
CA TYR A 94 -34.88 2.21 17.17
C TYR A 94 -34.00 1.01 17.46
N PRO A 95 -32.69 1.13 17.21
CA PRO A 95 -32.03 2.34 16.68
C PRO A 95 -32.39 2.60 15.22
N ARG A 96 -32.40 3.87 14.82
CA ARG A 96 -32.57 4.22 13.41
C ARG A 96 -31.30 3.82 12.67
N THR A 97 -31.46 3.22 11.49
CA THR A 97 -30.32 2.69 10.76
C THR A 97 -30.31 3.03 9.28
N PHE A 98 -29.13 3.42 8.79
CA PHE A 98 -28.94 3.77 7.39
C PHE A 98 -28.47 2.57 6.59
N GLY A 99 -28.69 2.61 5.27
CA GLY A 99 -28.11 1.63 4.38
C GLY A 99 -26.64 1.98 4.17
N GLY A 100 -25.87 1.02 3.66
CA GLY A 100 -24.45 1.22 3.45
C GLY A 100 -24.12 2.30 2.43
N GLY A 101 -25.10 2.65 1.60
CA GLY A 101 -24.90 3.69 0.61
C GLY A 101 -24.54 3.15 -0.76
N THR A 102 -24.81 3.97 -1.78
CA THR A 102 -24.48 3.63 -3.16
C THR A 102 -23.78 4.81 -3.80
N LYS A 103 -22.53 4.60 -4.22
CA LYS A 103 -21.74 5.67 -4.82
C LYS A 103 -21.79 5.61 -6.35
N LEU A 104 -22.36 6.65 -6.96
CA LEU A 104 -22.46 6.73 -8.41
C LEU A 104 -21.18 7.27 -9.04
N GLU A 105 -20.72 6.59 -10.10
CA GLU A 105 -19.62 7.10 -10.92
C GLU A 105 -20.03 7.07 -12.38
N ILE A 106 -19.41 7.93 -13.19
CA ILE A 106 -19.69 7.97 -14.61
C ILE A 106 -18.68 7.12 -15.38
N LYS A 107 -19.19 6.31 -16.32
CA LYS A 107 -18.33 5.50 -17.16
C LYS A 107 -17.60 6.36 -18.18
N ARG A 108 -16.36 5.98 -18.49
CA ARG A 108 -15.60 6.63 -19.55
C ARG A 108 -14.48 5.71 -20.03
N GLY A 109 -13.84 6.10 -21.12
CA GLY A 109 -12.76 5.31 -21.69
C GLY A 109 -11.57 5.23 -20.76
N ASP A 110 -10.95 4.05 -20.72
CA ASP A 110 -9.75 3.84 -19.90
C ASP A 110 -8.71 4.91 -20.17
N ALA A 111 -8.04 5.35 -19.12
CA ALA A 111 -7.01 6.37 -19.25
C ALA A 111 -5.79 6.07 -18.38
N ALA A 112 -4.62 6.17 -18.98
CA ALA A 112 -3.36 5.99 -18.24
C ALA A 112 -3.05 7.26 -17.45
N PRO A 113 -2.40 7.09 -16.29
CA PRO A 113 -2.14 8.25 -15.43
C PRO A 113 -0.96 9.08 -15.91
N THR A 114 -1.11 10.40 -15.89
CA THR A 114 0.00 11.31 -16.14
C THR A 114 0.83 11.43 -14.86
N VAL A 115 2.09 11.04 -14.94
CA VAL A 115 2.95 10.98 -13.75
C VAL A 115 3.97 12.10 -13.71
N SER A 116 4.01 12.81 -12.58
CA SER A 116 5.01 13.84 -12.35
C SER A 116 5.67 13.63 -10.99
N ILE A 117 7.00 13.76 -10.96
CA ILE A 117 7.73 13.58 -9.71
C ILE A 117 8.39 14.90 -9.27
N PHE A 118 8.39 15.14 -7.96
CA PHE A 118 8.92 16.38 -7.41
C PHE A 118 9.90 16.15 -6.27
N PRO A 119 11.14 16.61 -6.43
CA PRO A 119 12.14 16.55 -5.36
C PRO A 119 11.75 17.49 -4.22
N PRO A 120 12.33 17.29 -3.03
CA PRO A 120 12.05 18.18 -1.90
C PRO A 120 12.30 19.64 -2.26
N SER A 121 11.44 20.53 -1.79
CA SER A 121 11.64 21.95 -2.02
C SER A 121 12.86 22.43 -1.22
N SER A 122 13.46 23.53 -1.67
CA SER A 122 14.63 24.07 -0.99
C SER A 122 14.27 24.48 0.42
N GLU A 123 13.06 25.01 0.58
CA GLU A 123 12.58 25.43 1.91
C GLU A 123 12.61 24.28 2.90
N GLN A 124 11.95 23.17 2.54
CA GLN A 124 11.96 21.99 3.40
C GLN A 124 13.39 21.53 3.61
N LEU A 125 14.24 21.79 2.62
CA LEU A 125 15.65 21.44 2.69
C LEU A 125 16.47 22.46 3.47
N THR A 126 15.83 23.21 4.37
CA THR A 126 16.56 24.16 5.22
C THR A 126 15.91 24.43 6.59
N SER A 127 15.46 23.41 7.32
CA SER A 127 15.53 21.99 7.00
C SER A 127 14.71 21.30 8.10
N GLY A 128 14.66 19.97 8.14
CA GLY A 128 15.31 19.09 7.18
C GLY A 128 15.05 17.64 7.53
N GLY A 129 13.96 17.11 7.01
CA GLY A 129 13.10 17.86 6.12
C GLY A 129 13.32 17.48 4.67
N ALA A 130 12.82 16.30 4.30
CA ALA A 130 12.95 15.82 2.93
C ALA A 130 11.72 15.01 2.53
N SER A 131 10.94 15.54 1.60
CA SER A 131 9.76 14.85 1.08
C SER A 131 9.76 14.86 -0.44
N VAL A 132 9.60 13.68 -1.03
CA VAL A 132 9.50 13.56 -2.47
C VAL A 132 8.06 13.23 -2.87
N VAL A 133 7.50 14.04 -3.76
CA VAL A 133 6.10 13.88 -4.15
C VAL A 133 5.94 13.37 -5.58
N CYS A 134 4.89 12.58 -5.80
CA CYS A 134 4.60 12.04 -7.12
C CYS A 134 3.09 12.06 -7.40
N PHE A 135 2.70 12.73 -8.47
CA PHE A 135 1.28 12.81 -8.85
C PHE A 135 0.95 11.84 -9.98
N LEU A 136 -0.02 10.97 -9.73
CA LEU A 136 -0.57 10.11 -10.76
C LEU A 136 -1.95 10.66 -11.13
N ASN A 137 -2.01 11.46 -12.19
CA ASN A 137 -3.21 12.24 -12.47
C ASN A 137 -4.04 11.80 -13.68
N ASN A 138 -5.35 12.00 -13.56
CA ASN A 138 -6.29 11.79 -14.65
C ASN A 138 -6.20 10.41 -15.30
N PHE A 139 -6.40 9.37 -14.49
CA PHE A 139 -6.42 8.00 -14.98
C PHE A 139 -7.77 7.36 -14.74
N TYR A 140 -8.06 6.31 -15.53
CA TYR A 140 -9.29 5.55 -15.39
C TYR A 140 -9.01 4.12 -15.83
N PRO A 141 -9.53 3.12 -15.11
CA PRO A 141 -10.46 3.18 -13.97
C PRO A 141 -9.80 3.51 -12.63
N LYS A 142 -10.57 3.33 -11.56
CA LYS A 142 -10.19 3.72 -10.20
C LYS A 142 -8.86 3.15 -9.71
N ASP A 143 -8.75 1.84 -9.72
CA ASP A 143 -7.62 1.16 -9.09
C ASP A 143 -6.27 1.55 -9.72
N ILE A 144 -5.26 1.67 -8.87
CA ILE A 144 -3.92 2.00 -9.33
C ILE A 144 -2.86 1.63 -8.28
N ASN A 145 -1.65 1.35 -8.74
CA ASN A 145 -0.57 0.95 -7.85
C ASN A 145 0.61 1.91 -7.94
N VAL A 146 1.21 2.23 -6.79
CA VAL A 146 2.38 3.09 -6.76
C VAL A 146 3.55 2.39 -6.05
N LYS A 147 4.73 2.52 -6.63
CA LYS A 147 5.93 1.94 -6.04
C LYS A 147 7.07 2.95 -6.03
N TRP A 148 7.74 3.05 -4.88
CA TRP A 148 8.88 3.95 -4.74
C TRP A 148 10.17 3.16 -4.73
N LYS A 149 11.15 3.65 -5.48
CA LYS A 149 12.50 3.07 -5.47
C LYS A 149 13.54 4.14 -5.19
N ILE A 150 14.40 3.87 -4.21
CA ILE A 150 15.52 4.76 -3.92
C ILE A 150 16.82 4.06 -4.29
N ASP A 151 17.51 4.60 -5.27
CA ASP A 151 18.70 3.95 -5.83
C ASP A 151 18.42 2.49 -6.16
N GLY A 152 17.25 2.25 -6.75
CA GLY A 152 16.87 0.92 -7.20
C GLY A 152 16.04 0.14 -6.21
N SER A 153 16.28 0.36 -4.92
CA SER A 153 15.63 -0.42 -3.87
C SER A 153 14.22 0.06 -3.54
N GLU A 154 13.29 -0.88 -3.43
CA GLU A 154 11.91 -0.56 -3.07
C GLU A 154 11.83 0.07 -1.69
N ARG A 155 11.09 1.17 -1.60
CA ARG A 155 10.88 1.86 -0.33
C ARG A 155 9.40 2.02 -0.06
N GLN A 156 8.96 1.55 1.10
CA GLN A 156 7.54 1.67 1.47
C GLN A 156 7.35 2.37 2.81
N ASN A 157 8.43 2.53 3.55
CA ASN A 157 8.36 3.05 4.92
C ASN A 157 7.52 4.31 5.07
N GLY A 158 8.14 5.47 4.84
CA GLY A 158 7.48 6.74 5.07
C GLY A 158 6.63 7.26 3.92
N VAL A 159 5.84 6.38 3.33
CA VAL A 159 5.00 6.73 2.20
C VAL A 159 3.58 7.13 2.62
N LEU A 160 3.09 8.22 2.05
CA LEU A 160 1.75 8.70 2.34
C LEU A 160 0.95 8.86 1.06
N ASN A 161 -0.18 8.18 0.97
CA ASN A 161 -1.02 8.21 -0.23
C ASN A 161 -2.37 8.89 -0.02
N SER A 162 -2.84 9.58 -1.04
CA SER A 162 -4.16 10.19 -1.01
C SER A 162 -4.83 10.09 -2.38
N TRP A 163 -6.15 9.98 -2.39
CA TRP A 163 -6.90 9.79 -3.64
C TRP A 163 -8.06 10.77 -3.75
N THR A 164 -8.25 11.34 -4.93
CA THR A 164 -9.38 12.23 -5.18
C THR A 164 -10.63 11.47 -5.58
N ASP A 165 -11.79 12.09 -5.32
CA ASP A 165 -13.05 11.57 -5.81
C ASP A 165 -13.06 11.76 -7.33
N GLN A 166 -14.01 11.15 -8.01
CA GLN A 166 -14.06 11.26 -9.47
C GLN A 166 -14.15 12.71 -9.92
N ASP A 167 -13.23 13.12 -10.78
CA ASP A 167 -13.21 14.48 -11.30
C ASP A 167 -14.51 14.78 -12.03
N SER A 168 -15.12 15.92 -11.70
CA SER A 168 -16.42 16.27 -12.26
C SER A 168 -16.34 16.70 -13.73
N LYS A 169 -15.15 17.13 -14.14
CA LYS A 169 -14.94 17.65 -15.48
C LYS A 169 -14.66 16.55 -16.52
N ASP A 170 -13.76 15.63 -16.20
CA ASP A 170 -13.38 14.59 -17.16
C ASP A 170 -13.61 13.15 -16.68
N SER A 171 -14.21 13.01 -15.50
CA SER A 171 -14.59 11.69 -14.99
C SER A 171 -13.40 10.78 -14.68
N THR A 172 -12.22 11.36 -14.46
CA THR A 172 -11.04 10.58 -14.14
C THR A 172 -10.70 10.62 -12.66
N TYR A 173 -9.76 9.78 -12.25
CA TYR A 173 -9.28 9.76 -10.87
C TYR A 173 -7.82 10.17 -10.80
N SER A 174 -7.40 10.66 -9.64
CA SER A 174 -6.01 11.05 -9.42
C SER A 174 -5.48 10.54 -8.09
N MET A 175 -4.17 10.54 -7.94
CA MET A 175 -3.54 10.06 -6.72
C MET A 175 -2.27 10.83 -6.39
N SER A 176 -2.10 11.14 -5.11
CA SER A 176 -0.89 11.79 -4.64
C SER A 176 -0.15 10.87 -3.68
N SER A 177 1.17 10.77 -3.87
CA SER A 177 2.00 9.92 -3.04
C SER A 177 3.24 10.67 -2.58
N THR A 178 3.42 10.77 -1.27
CA THR A 178 4.54 11.50 -0.71
C THR A 178 5.47 10.59 0.11
N LEU A 179 6.73 10.55 -0.30
CA LEU A 179 7.74 9.78 0.41
C LEU A 179 8.57 10.71 1.28
N THR A 180 8.44 10.57 2.59
CA THR A 180 9.18 11.42 3.52
C THR A 180 10.41 10.71 4.10
N LEU A 181 11.57 11.34 3.94
CA LEU A 181 12.82 10.83 4.46
C LEU A 181 13.39 11.86 5.43
N THR A 182 14.44 11.47 6.15
CA THR A 182 15.23 12.45 6.89
C THR A 182 16.12 13.16 5.89
N LYS A 183 16.49 14.40 6.18
CA LYS A 183 17.39 15.14 5.30
C LYS A 183 18.67 14.35 5.08
N ASP A 184 19.15 13.71 6.15
CA ASP A 184 20.38 12.94 6.10
C ASP A 184 20.30 11.78 5.12
N GLU A 185 19.26 10.96 5.23
CA GLU A 185 19.13 9.82 4.33
C GLU A 185 18.89 10.26 2.88
N TYR A 186 18.09 11.30 2.70
CA TYR A 186 17.81 11.80 1.35
C TYR A 186 19.09 12.19 0.63
N GLU A 187 20.06 12.72 1.38
CA GLU A 187 21.30 13.22 0.79
C GLU A 187 22.38 12.15 0.66
N ARG A 188 22.08 10.94 1.14
CA ARG A 188 23.00 9.83 0.99
C ARG A 188 22.69 9.03 -0.27
N HIS A 189 21.59 9.38 -0.93
CA HIS A 189 21.18 8.68 -2.15
C HIS A 189 21.12 9.62 -3.34
N ASN A 190 20.98 9.05 -4.53
CA ASN A 190 20.98 9.82 -5.76
C ASN A 190 19.68 9.67 -6.55
N SER A 191 19.32 8.43 -6.85
CA SER A 191 18.18 8.14 -7.72
C SER A 191 16.87 7.96 -6.96
N TYR A 192 15.85 8.72 -7.35
CA TYR A 192 14.53 8.60 -6.77
C TYR A 192 13.48 8.39 -7.86
N THR A 193 12.75 7.28 -7.77
CA THR A 193 11.82 6.92 -8.85
C THR A 193 10.41 6.63 -8.35
N CYS A 194 9.43 7.12 -9.09
CA CYS A 194 8.03 6.85 -8.81
C CYS A 194 7.46 5.97 -9.93
N GLU A 195 6.96 4.80 -9.55
CA GLU A 195 6.41 3.85 -10.52
C GLU A 195 4.91 3.65 -10.35
N ALA A 196 4.17 3.92 -11.42
CA ALA A 196 2.73 3.73 -11.41
C ALA A 196 2.33 2.52 -12.24
N THR A 197 1.57 1.61 -11.63
CA THR A 197 1.07 0.43 -12.32
C THR A 197 -0.44 0.52 -12.47
N HIS A 198 -0.90 0.80 -13.68
CA HIS A 198 -2.32 0.97 -13.93
C HIS A 198 -2.87 -0.14 -14.82
N LYS A 199 -4.20 -0.25 -14.87
CA LYS A 199 -4.86 -1.28 -15.66
C LYS A 199 -4.45 -1.22 -17.13
N THR A 200 -4.12 -0.03 -17.60
CA THR A 200 -3.86 0.21 -19.01
C THR A 200 -2.55 -0.38 -19.54
N SER A 201 -1.80 -1.06 -18.69
CA SER A 201 -0.53 -1.63 -19.11
C SER A 201 0.08 -2.60 -18.09
N THR A 202 0.70 -3.67 -18.60
CA THR A 202 1.43 -4.60 -17.75
C THR A 202 2.78 -4.00 -17.39
N SER A 203 3.17 -2.96 -18.13
CA SER A 203 4.41 -2.23 -17.85
C SER A 203 4.13 -0.97 -17.06
N PRO A 204 4.80 -0.80 -15.91
CA PRO A 204 4.62 0.39 -15.07
C PRO A 204 5.12 1.66 -15.74
N ILE A 205 4.47 2.77 -15.47
CA ILE A 205 4.94 4.07 -15.93
C ILE A 205 5.94 4.61 -14.93
N VAL A 206 7.15 4.90 -15.39
CA VAL A 206 8.22 5.29 -14.48
C VAL A 206 8.63 6.75 -14.65
N LYS A 207 8.78 7.43 -13.51
CA LYS A 207 9.26 8.80 -13.48
C LYS A 207 10.31 8.91 -12.39
N SER A 208 11.42 9.58 -12.69
CA SER A 208 12.49 9.70 -11.70
C SER A 208 13.38 10.92 -11.93
N PHE A 209 14.27 11.15 -10.98
CA PHE A 209 15.29 12.19 -11.11
C PHE A 209 16.53 11.76 -10.35
N ASN A 210 17.65 12.41 -10.64
CA ASN A 210 18.91 12.09 -9.99
C ASN A 210 19.45 13.23 -9.14
N ARG A 211 20.01 12.86 -7.99
CA ARG A 211 20.67 13.79 -7.06
C ARG A 211 19.83 14.08 -5.81
N GLY A 212 20.48 13.95 -4.66
CA GLY A 212 19.85 14.19 -3.38
C GLY A 212 20.87 14.12 -2.27
N GLU B 1 -38.40 29.53 6.46
CA GLU B 1 -38.08 28.15 6.12
C GLU B 1 -37.28 27.49 7.25
N VAL B 2 -37.33 26.17 7.29
CA VAL B 2 -36.66 25.41 8.35
C VAL B 2 -35.15 25.61 8.32
N LYS B 3 -34.58 25.94 9.48
CA LYS B 3 -33.13 26.09 9.58
C LYS B 3 -32.59 25.56 10.92
N LEU B 4 -31.44 24.89 10.85
CA LEU B 4 -30.77 24.36 12.03
C LEU B 4 -29.30 24.72 11.99
N VAL B 5 -28.80 25.31 13.07
CA VAL B 5 -27.40 25.73 13.15
C VAL B 5 -26.74 25.19 14.41
N GLU B 6 -25.82 24.25 14.24
CA GLU B 6 -25.12 23.65 15.37
C GLU B 6 -23.80 24.36 15.68
N SER B 7 -23.33 24.21 16.91
CA SER B 7 -22.09 24.85 17.35
C SER B 7 -21.53 24.14 18.58
N GLY B 8 -20.28 24.43 18.91
CA GLY B 8 -19.66 23.89 20.11
C GLY B 8 -18.67 22.77 19.85
N GLY B 9 -18.38 22.52 18.58
CA GLY B 9 -17.41 21.51 18.21
C GLY B 9 -15.99 22.03 18.28
N GLY B 10 -15.02 21.13 18.20
CA GLY B 10 -13.62 21.50 18.24
C GLY B 10 -12.73 20.34 18.64
N LEU B 11 -11.47 20.65 18.95
CA LEU B 11 -10.52 19.63 19.38
C LEU B 11 -10.63 19.38 20.88
N VAL B 12 -10.72 18.11 21.25
CA VAL B 12 -10.82 17.73 22.66
C VAL B 12 -10.02 16.46 22.93
N GLN B 13 -9.40 16.38 24.10
CA GLN B 13 -8.61 15.22 24.49
C GLN B 13 -9.48 13.97 24.53
N PRO B 14 -8.87 12.80 24.31
CA PRO B 14 -9.60 11.55 24.53
C PRO B 14 -10.04 11.47 25.99
N GLY B 15 -11.28 11.05 26.23
CA GLY B 15 -11.80 10.97 27.59
C GLY B 15 -12.43 12.27 28.05
N GLY B 16 -12.19 13.33 27.29
CA GLY B 16 -12.75 14.64 27.61
C GLY B 16 -14.21 14.78 27.27
N SER B 17 -14.76 15.97 27.48
CA SER B 17 -16.17 16.23 27.23
C SER B 17 -16.34 17.37 26.23
N LEU B 18 -17.53 17.44 25.63
CA LEU B 18 -17.86 18.51 24.70
C LEU B 18 -19.36 18.73 24.74
N SER B 19 -19.78 20.00 24.73
CA SER B 19 -21.19 20.34 24.77
C SER B 19 -21.63 20.96 23.45
N LEU B 20 -22.42 20.21 22.68
CA LEU B 20 -22.91 20.70 21.41
C LEU B 20 -24.32 21.26 21.57
N SER B 21 -24.63 22.29 20.79
CA SER B 21 -25.96 22.88 20.81
C SER B 21 -26.46 23.19 19.40
N CYS B 22 -27.77 23.12 19.21
CA CYS B 22 -28.36 23.35 17.89
C CYS B 22 -29.48 24.39 17.98
N ALA B 23 -29.31 25.49 17.25
CA ALA B 23 -30.32 26.54 17.21
C ALA B 23 -31.33 26.28 16.10
N ALA B 24 -32.59 26.07 16.49
CA ALA B 24 -33.66 25.79 15.54
C ALA B 24 -34.49 27.03 15.26
N SER B 25 -34.86 27.23 14.00
CA SER B 25 -35.67 28.38 13.60
C SER B 25 -36.50 28.07 12.35
N GLY B 26 -37.49 28.92 12.10
CA GLY B 26 -38.32 28.78 10.92
C GLY B 26 -39.40 27.73 11.06
N PHE B 27 -39.45 27.09 12.24
CA PHE B 27 -40.49 26.12 12.52
C PHE B 27 -40.78 26.01 14.02
N THR B 28 -41.87 25.32 14.35
CA THR B 28 -42.26 25.16 15.74
C THR B 28 -41.47 24.02 16.41
N PHE B 29 -40.46 24.41 17.18
CA PHE B 29 -39.55 23.47 17.84
C PHE B 29 -40.26 22.35 18.58
N SER B 30 -41.35 22.69 19.27
CA SER B 30 -42.05 21.74 20.13
C SER B 30 -42.87 20.70 19.37
N ASP B 31 -43.10 20.93 18.09
CA ASP B 31 -43.94 20.05 17.30
C ASP B 31 -43.23 18.84 16.70
N TYR B 32 -41.89 18.84 16.77
CA TYR B 32 -41.11 17.82 16.09
C TYR B 32 -40.11 17.09 16.99
N TYR B 33 -40.00 15.78 16.80
CA TYR B 33 -38.92 15.00 17.38
C TYR B 33 -37.61 15.53 16.78
N MET B 34 -36.55 15.54 17.56
CA MET B 34 -35.24 16.01 17.08
C MET B 34 -34.17 14.94 17.26
N THR B 35 -33.16 14.97 16.41
CA THR B 35 -32.11 13.96 16.46
C THR B 35 -30.72 14.54 16.24
N TRP B 36 -29.71 13.75 16.60
CA TRP B 36 -28.33 14.06 16.28
C TRP B 36 -27.76 12.94 15.41
N VAL B 37 -27.11 13.32 14.32
CA VAL B 37 -26.47 12.35 13.45
C VAL B 37 -25.06 12.84 13.18
N ARG B 38 -24.12 11.90 13.05
CA ARG B 38 -22.75 12.27 12.75
C ARG B 38 -22.26 11.52 11.52
N GLN B 39 -21.17 12.01 10.94
CA GLN B 39 -20.58 11.36 9.78
C GLN B 39 -19.07 11.54 9.75
N ALA B 40 -18.34 10.43 9.81
CA ALA B 40 -16.90 10.45 9.67
C ALA B 40 -16.55 10.50 8.20
N PRO B 41 -15.42 11.13 7.85
CA PRO B 41 -15.02 11.27 6.45
C PRO B 41 -14.99 9.93 5.75
N GLY B 42 -15.71 9.83 4.62
CA GLY B 42 -15.74 8.61 3.85
C GLY B 42 -16.55 7.49 4.49
N LYS B 43 -17.53 7.87 5.30
CA LYS B 43 -18.40 6.89 5.95
C LYS B 43 -19.87 7.24 5.75
N ALA B 44 -20.74 6.26 6.00
CA ALA B 44 -22.17 6.50 5.95
C ALA B 44 -22.61 7.23 7.21
N PRO B 45 -23.69 8.01 7.13
CA PRO B 45 -24.19 8.71 8.31
C PRO B 45 -24.51 7.72 9.43
N GLU B 46 -24.37 8.17 10.68
CA GLU B 46 -24.66 7.34 11.82
C GLU B 46 -25.61 8.05 12.76
N TRP B 47 -26.85 7.56 12.84
CA TRP B 47 -27.83 8.13 13.77
C TRP B 47 -27.36 7.89 15.20
N LEU B 48 -27.48 8.93 16.03
CA LEU B 48 -26.96 8.87 17.39
C LEU B 48 -28.04 8.92 18.46
N ALA B 49 -28.98 9.85 18.32
CA ALA B 49 -29.99 10.05 19.36
C ALA B 49 -31.23 10.77 18.87
N LEU B 50 -32.36 10.44 19.47
CA LEU B 50 -33.62 11.12 19.20
C LEU B 50 -34.29 11.50 20.51
N ILE B 51 -34.90 12.68 20.56
CA ILE B 51 -35.68 13.08 21.72
C ILE B 51 -37.08 13.47 21.27
N ARG B 52 -38.09 12.96 21.97
CA ARG B 52 -39.48 13.25 21.64
C ARG B 52 -39.84 14.62 22.19
N ASN B 53 -41.09 15.03 22.00
CA ASN B 53 -41.55 16.30 22.55
C ASN B 53 -42.44 16.10 23.78
N LYS B 54 -42.90 17.22 24.33
CA LYS B 54 -43.63 17.22 25.59
C LYS B 54 -44.89 16.35 25.54
N ARG B 55 -45.62 16.41 24.44
CA ARG B 55 -46.83 15.62 24.26
C ARG B 55 -46.55 14.11 24.30
N ASN B 56 -45.29 13.74 24.06
CA ASN B 56 -44.95 12.32 23.99
C ASN B 56 -43.88 11.89 24.99
N GLY B 57 -43.81 12.56 26.13
CA GLY B 57 -42.97 12.13 27.23
C GLY B 57 -41.60 12.77 27.33
N ASP B 58 -41.15 13.42 26.27
CA ASP B 58 -39.82 14.04 26.25
C ASP B 58 -38.71 13.02 26.47
N THR B 59 -39.01 11.75 26.20
CA THR B 59 -38.06 10.66 26.38
C THR B 59 -37.09 10.57 25.20
N ALA B 60 -36.01 9.82 25.38
CA ALA B 60 -34.93 9.79 24.41
C ALA B 60 -34.55 8.38 23.96
N GLU B 61 -33.93 8.29 22.79
CA GLU B 61 -33.40 7.03 22.27
C GLU B 61 -31.95 7.24 21.85
N TYR B 62 -31.13 6.21 22.01
CA TYR B 62 -29.72 6.31 21.65
C TYR B 62 -29.23 5.10 20.87
N SER B 63 -28.22 5.30 20.03
CA SER B 63 -27.52 4.19 19.41
C SER B 63 -26.62 3.55 20.45
N ALA B 64 -26.34 2.26 20.28
CA ALA B 64 -25.50 1.54 21.22
C ALA B 64 -24.08 2.12 21.26
N SER B 65 -23.70 2.79 20.18
CA SER B 65 -22.34 3.32 20.04
C SER B 65 -22.06 4.53 20.94
N VAL B 66 -23.11 5.22 21.36
CA VAL B 66 -22.94 6.41 22.19
C VAL B 66 -23.74 6.34 23.48
N LYS B 67 -24.57 5.31 23.61
CA LYS B 67 -25.42 5.14 24.77
C LYS B 67 -24.61 5.23 26.06
N GLY B 68 -25.05 6.09 26.98
CA GLY B 68 -24.37 6.26 28.24
C GLY B 68 -23.32 7.37 28.23
N ARG B 69 -22.80 7.66 27.04
CA ARG B 69 -21.75 8.67 26.90
C ARG B 69 -22.29 10.00 26.38
N PHE B 70 -23.31 9.93 25.51
CA PHE B 70 -23.92 11.13 24.94
C PHE B 70 -25.32 11.32 25.48
N THR B 71 -25.65 12.55 25.85
CA THR B 71 -26.99 12.87 26.34
C THR B 71 -27.65 13.95 25.50
N ILE B 72 -28.83 13.64 24.99
CA ILE B 72 -29.60 14.59 24.19
C ILE B 72 -30.66 15.25 25.05
N SER B 73 -30.81 16.56 24.90
CA SER B 73 -31.85 17.29 25.63
C SER B 73 -32.31 18.49 24.82
N ARG B 74 -33.42 19.10 25.23
CA ARG B 74 -33.94 20.26 24.52
C ARG B 74 -34.33 21.39 25.46
N ASP B 75 -34.05 22.61 25.01
CA ASP B 75 -34.46 23.81 25.73
C ASP B 75 -35.59 24.47 24.96
N TYR B 76 -36.82 24.21 25.38
CA TYR B 76 -38.00 24.73 24.70
C TYR B 76 -38.02 26.24 24.73
N SER B 77 -37.50 26.81 25.82
CA SER B 77 -37.57 28.25 26.05
C SER B 77 -36.67 29.03 25.11
N ARG B 78 -35.82 28.32 24.37
CA ARG B 78 -34.95 28.98 23.40
C ARG B 78 -34.86 28.17 22.11
N SER B 79 -35.69 27.14 22.01
CA SER B 79 -35.67 26.25 20.85
C SER B 79 -34.24 25.83 20.53
N ILE B 80 -33.59 25.22 21.50
CA ILE B 80 -32.21 24.76 21.35
C ILE B 80 -32.12 23.26 21.64
N LEU B 81 -31.43 22.54 20.76
CA LEU B 81 -31.20 21.11 20.96
C LEU B 81 -29.77 20.92 21.45
N HIS B 82 -29.61 20.12 22.51
CA HIS B 82 -28.29 19.92 23.10
C HIS B 82 -27.79 18.49 22.94
N LEU B 83 -26.48 18.32 22.84
CA LEU B 83 -25.85 17.01 22.91
C LEU B 83 -24.63 17.07 23.81
N GLN B 84 -24.75 16.51 25.01
CA GLN B 84 -23.64 16.45 25.95
C GLN B 84 -22.81 15.20 25.68
N MET B 85 -21.57 15.41 25.28
CA MET B 85 -20.69 14.30 24.88
C MET B 85 -19.58 14.06 25.91
N ASN B 86 -19.71 12.98 26.67
CA ASN B 86 -18.72 12.62 27.69
C ASN B 86 -17.90 11.40 27.30
N ALA B 87 -16.77 11.21 27.97
CA ALA B 87 -15.90 10.07 27.74
C ALA B 87 -15.65 9.84 26.25
N LEU B 88 -15.22 10.90 25.56
CA LEU B 88 -15.02 10.86 24.13
C LEU B 88 -13.87 9.94 23.71
N ARG B 89 -14.05 9.27 22.57
CA ARG B 89 -13.04 8.37 22.03
C ARG B 89 -12.64 8.84 20.64
N THR B 90 -11.46 8.42 20.17
CA THR B 90 -10.97 8.89 18.88
C THR B 90 -11.95 8.62 17.74
N GLU B 91 -12.66 7.50 17.82
CA GLU B 91 -13.60 7.14 16.76
C GLU B 91 -14.91 7.94 16.82
N ASP B 92 -14.98 8.88 17.77
CA ASP B 92 -16.12 9.79 17.84
C ASP B 92 -15.88 10.99 16.96
N SER B 93 -14.66 11.10 16.44
CA SER B 93 -14.30 12.19 15.54
C SER B 93 -15.15 12.16 14.27
N ALA B 94 -15.84 13.26 13.99
CA ALA B 94 -16.71 13.35 12.84
C ALA B 94 -17.39 14.72 12.77
N THR B 95 -18.25 14.90 11.77
CA THR B 95 -19.09 16.08 11.69
C THR B 95 -20.45 15.76 12.30
N TYR B 96 -20.86 16.58 13.27
CA TYR B 96 -22.11 16.34 13.99
C TYR B 96 -23.24 17.20 13.45
N TYR B 97 -24.38 16.57 13.19
CA TYR B 97 -25.50 17.24 12.56
C TYR B 97 -26.75 17.26 13.42
N CYS B 98 -27.33 18.44 13.56
CA CYS B 98 -28.65 18.59 14.16
C CYS B 98 -29.69 18.29 13.08
N VAL B 99 -30.55 17.30 13.33
CA VAL B 99 -31.49 16.84 12.31
C VAL B 99 -32.91 16.70 12.84
N ARG B 100 -33.88 17.21 12.08
CA ARG B 100 -35.28 17.15 12.47
C ARG B 100 -35.99 15.92 11.91
N GLN B 101 -36.94 15.39 12.67
CA GLN B 101 -37.79 14.30 12.17
C GLN B 101 -39.18 14.81 11.83
N GLY B 102 -39.53 14.72 10.55
CA GLY B 102 -40.82 15.17 10.07
C GLY B 102 -41.83 14.04 9.96
N ARG B 103 -42.91 14.27 9.21
CA ARG B 103 -43.98 13.29 9.10
C ARG B 103 -43.48 11.97 8.54
N GLY B 104 -44.12 10.88 8.96
CA GLY B 104 -43.73 9.55 8.52
C GLY B 104 -42.37 9.15 9.06
N TYR B 105 -42.10 9.54 10.31
CA TYR B 105 -40.81 9.31 10.93
C TYR B 105 -39.68 9.55 9.94
N THR B 106 -39.58 10.77 9.43
CA THR B 106 -38.61 11.08 8.38
C THR B 106 -37.65 12.19 8.78
N LEU B 107 -36.36 11.86 8.84
CA LEU B 107 -35.34 12.86 9.11
C LEU B 107 -35.22 13.81 7.92
N ASP B 108 -36.08 14.81 7.87
CA ASP B 108 -36.18 15.66 6.67
C ASP B 108 -35.12 16.75 6.55
N TYR B 109 -34.95 17.57 7.59
CA TYR B 109 -34.04 18.71 7.48
C TYR B 109 -32.78 18.59 8.34
N TRP B 110 -31.64 18.90 7.71
CA TRP B 110 -30.33 18.77 8.35
C TRP B 110 -29.68 20.13 8.56
N GLY B 111 -28.81 20.23 9.56
CA GLY B 111 -28.04 21.42 9.80
C GLY B 111 -26.73 21.40 9.03
N GLN B 112 -25.94 22.47 9.12
CA GLN B 112 -24.69 22.55 8.37
C GLN B 112 -23.63 21.62 8.95
N GLY B 113 -23.69 21.42 10.27
CA GLY B 113 -22.76 20.52 10.94
C GLY B 113 -21.68 21.23 11.72
N THR B 114 -21.27 20.64 12.84
CA THR B 114 -20.14 21.14 13.61
C THR B 114 -19.09 20.05 13.75
N SER B 115 -17.84 20.38 13.44
CA SER B 115 -16.77 19.40 13.40
C SER B 115 -16.18 19.11 14.78
N VAL B 116 -15.99 17.83 15.09
CA VAL B 116 -15.40 17.43 16.36
C VAL B 116 -14.20 16.52 16.12
N THR B 117 -13.06 16.90 16.69
CA THR B 117 -11.86 16.08 16.59
C THR B 117 -11.41 15.63 17.98
N VAL B 118 -11.34 14.31 18.17
CA VAL B 118 -10.85 13.76 19.43
C VAL B 118 -9.45 13.17 19.23
N SER B 119 -8.45 13.87 19.75
CA SER B 119 -7.07 13.45 19.60
C SER B 119 -6.16 14.03 20.68
N SER B 120 -5.06 13.33 20.96
CA SER B 120 -4.08 13.80 21.93
C SER B 120 -3.12 14.80 21.27
N ALA B 121 -3.01 14.72 19.96
CA ALA B 121 -2.15 15.64 19.20
C ALA B 121 -2.57 17.07 19.44
N LYS B 122 -1.60 17.99 19.34
CA LYS B 122 -1.88 19.40 19.60
C LYS B 122 -1.92 20.24 18.33
N THR B 123 -2.59 21.37 18.40
CA THR B 123 -2.72 22.28 17.27
C THR B 123 -1.35 22.70 16.76
N THR B 124 -1.21 22.72 15.43
CA THR B 124 0.08 22.98 14.81
C THR B 124 -0.09 23.60 13.42
N ALA B 125 0.56 24.73 13.20
CA ALA B 125 0.53 25.39 11.90
C ALA B 125 1.22 24.52 10.85
N PRO B 126 0.76 24.60 9.60
CA PRO B 126 1.35 23.84 8.50
C PRO B 126 2.63 24.50 7.98
N SER B 127 3.38 23.79 7.15
CA SER B 127 4.63 24.31 6.62
C SER B 127 4.45 24.94 5.23
N VAL B 128 3.90 24.17 4.31
CA VAL B 128 3.62 24.63 2.95
C VAL B 128 4.88 24.80 2.10
N TYR B 129 5.13 23.83 1.22
CA TYR B 129 6.28 23.89 0.32
C TYR B 129 5.82 23.91 -1.13
N PRO B 130 6.41 24.81 -1.93
CA PRO B 130 6.15 24.88 -3.37
C PRO B 130 6.72 23.65 -4.08
N LEU B 131 6.10 23.24 -5.18
CA LEU B 131 6.59 22.08 -5.94
C LEU B 131 6.82 22.42 -7.41
N ALA B 132 8.08 22.65 -7.77
CA ALA B 132 8.45 22.95 -9.15
C ALA B 132 8.95 21.70 -9.85
N PRO B 133 8.75 21.63 -11.18
CA PRO B 133 9.14 20.48 -12.00
C PRO B 133 10.61 20.10 -11.84
N VAL B 134 10.94 18.86 -12.19
CA VAL B 134 12.32 18.39 -12.14
C VAL B 134 13.23 19.27 -12.98
N GLY B 140 7.85 19.71 -24.11
CA GLY B 140 6.91 20.37 -23.21
C GLY B 140 5.46 20.08 -23.55
N SER B 141 4.70 21.16 -23.77
CA SER B 141 3.25 21.11 -24.05
C SER B 141 2.45 21.55 -22.83
N SER B 142 2.49 20.75 -21.78
CA SER B 142 1.82 21.09 -20.53
C SER B 142 2.75 20.83 -19.36
N VAL B 143 2.62 21.62 -18.31
CA VAL B 143 3.45 21.46 -17.13
C VAL B 143 2.61 21.29 -15.86
N THR B 144 3.07 20.42 -14.96
CA THR B 144 2.35 20.16 -13.73
C THR B 144 3.09 20.72 -12.51
N LEU B 145 2.44 21.63 -11.82
CA LEU B 145 2.99 22.18 -10.58
C LEU B 145 2.27 21.57 -9.38
N GLY B 146 2.84 21.74 -8.20
CA GLY B 146 2.24 21.19 -7.00
C GLY B 146 2.44 22.06 -5.78
N CYS B 147 1.73 21.70 -4.70
CA CYS B 147 1.84 22.40 -3.43
C CYS B 147 1.69 21.38 -2.30
N LEU B 148 2.68 21.35 -1.40
CA LEU B 148 2.70 20.38 -0.31
C LEU B 148 2.47 21.03 1.05
N VAL B 149 1.38 20.66 1.72
CA VAL B 149 1.03 21.21 3.02
C VAL B 149 1.19 20.13 4.10
N LYS B 150 2.26 20.21 4.86
CA LYS B 150 2.62 19.14 5.78
C LYS B 150 2.76 19.58 7.24
N GLY B 151 2.37 18.69 8.15
CA GLY B 151 2.63 18.86 9.57
C GLY B 151 1.66 19.73 10.34
N TYR B 152 0.39 19.71 9.95
CA TYR B 152 -0.61 20.53 10.63
C TYR B 152 -1.64 19.69 11.39
N PHE B 153 -2.33 20.34 12.33
CA PHE B 153 -3.38 19.70 13.11
C PHE B 153 -4.16 20.76 13.86
N PRO B 154 -5.49 20.63 13.90
CA PRO B 154 -6.24 19.57 13.24
C PRO B 154 -6.79 20.04 11.89
N GLU B 155 -7.71 19.28 11.33
CA GLU B 155 -8.42 19.68 10.11
C GLU B 155 -9.28 20.90 10.42
N PRO B 156 -9.59 21.70 9.40
CA PRO B 156 -9.09 21.55 8.03
C PRO B 156 -8.20 22.71 7.62
N VAL B 157 -7.75 22.67 6.37
CA VAL B 157 -7.05 23.79 5.77
C VAL B 157 -7.77 24.15 4.48
N THR B 158 -7.45 25.32 3.92
CA THR B 158 -8.03 25.71 2.65
C THR B 158 -6.93 26.09 1.66
N LEU B 159 -6.95 25.44 0.50
CA LEU B 159 -5.91 25.65 -0.51
C LEU B 159 -6.50 26.16 -1.82
N THR B 160 -5.90 27.20 -2.36
CA THR B 160 -6.32 27.75 -3.64
C THR B 160 -5.10 28.08 -4.49
N TRP B 161 -5.33 28.21 -5.80
CA TRP B 161 -4.28 28.62 -6.72
C TRP B 161 -4.65 29.98 -7.32
N ASN B 162 -3.76 30.95 -7.17
CA ASN B 162 -4.04 32.32 -7.59
C ASN B 162 -5.32 32.86 -6.96
N SER B 163 -5.45 32.67 -5.65
CA SER B 163 -6.58 33.18 -4.88
C SER B 163 -7.93 32.65 -5.34
N GLY B 164 -7.91 31.55 -6.09
CA GLY B 164 -9.14 30.94 -6.56
C GLY B 164 -9.46 31.27 -8.01
N SER B 165 -8.65 32.12 -8.62
CA SER B 165 -8.83 32.48 -10.02
C SER B 165 -8.44 31.32 -10.93
N LEU B 166 -7.43 30.57 -10.50
CA LEU B 166 -6.98 29.38 -11.22
C LEU B 166 -7.62 28.13 -10.61
N SER B 167 -8.76 27.73 -11.15
CA SER B 167 -9.52 26.62 -10.59
C SER B 167 -9.58 25.41 -11.53
N SER B 168 -9.12 25.59 -12.76
CA SER B 168 -9.16 24.52 -13.75
C SER B 168 -7.85 23.74 -13.78
N GLY B 169 -7.96 22.43 -13.99
CA GLY B 169 -6.79 21.57 -14.04
C GLY B 169 -6.18 21.32 -12.68
N VAL B 170 -6.97 21.55 -11.63
CA VAL B 170 -6.51 21.40 -10.26
C VAL B 170 -6.92 20.06 -9.66
N HIS B 171 -5.99 19.43 -8.94
CA HIS B 171 -6.30 18.24 -8.16
C HIS B 171 -5.89 18.45 -6.70
N THR B 172 -6.89 18.66 -5.85
CA THR B 172 -6.64 18.82 -4.42
C THR B 172 -7.01 17.54 -3.66
N PHE B 173 -6.01 16.92 -3.05
CA PHE B 173 -6.21 15.63 -2.41
C PHE B 173 -6.61 15.78 -0.96
N PRO B 174 -7.48 14.88 -0.47
CA PRO B 174 -7.93 14.89 0.92
C PRO B 174 -6.74 14.77 1.87
N ALA B 175 -6.85 15.37 3.05
CA ALA B 175 -5.77 15.31 4.03
C ALA B 175 -5.66 13.90 4.62
N VAL B 176 -4.43 13.48 4.89
CA VAL B 176 -4.17 12.19 5.49
C VAL B 176 -3.34 12.34 6.76
N LEU B 177 -3.75 11.64 7.81
CA LEU B 177 -3.06 11.70 9.11
C LEU B 177 -1.91 10.70 9.15
N GLN B 178 -0.80 11.10 9.78
CA GLN B 178 0.36 10.21 9.86
C GLN B 178 0.91 10.09 11.27
N SER B 179 0.30 10.80 12.22
CA SER B 179 0.60 10.61 13.63
C SER B 179 -0.62 10.88 14.54
N GLY B 180 -0.80 12.10 15.07
CA GLY B 180 0.13 13.20 14.93
C GLY B 180 -0.32 14.34 14.04
N LEU B 181 0.27 14.41 12.85
CA LEU B 181 0.07 15.55 11.96
C LEU B 181 -0.52 15.16 10.61
N TYR B 182 -1.28 16.08 10.01
CA TYR B 182 -1.90 15.86 8.72
C TYR B 182 -0.97 16.24 7.57
N THR B 183 -1.23 15.67 6.40
CA THR B 183 -0.56 16.06 5.17
C THR B 183 -1.60 16.23 4.08
N LEU B 184 -1.52 17.35 3.36
CA LEU B 184 -2.42 17.60 2.24
C LEU B 184 -1.60 18.10 1.06
N SER B 185 -2.01 17.72 -0.15
CA SER B 185 -1.29 18.14 -1.35
C SER B 185 -2.26 18.61 -2.43
N SER B 186 -1.74 19.37 -3.38
CA SER B 186 -2.54 19.84 -4.50
C SER B 186 -1.67 20.03 -5.74
N SER B 187 -2.21 19.71 -6.90
CA SER B 187 -1.49 19.88 -8.15
C SER B 187 -2.29 20.73 -9.12
N VAL B 188 -1.58 21.47 -9.97
CA VAL B 188 -2.23 22.25 -11.01
C VAL B 188 -1.48 22.09 -12.32
N THR B 189 -2.21 21.78 -13.39
CA THR B 189 -1.61 21.56 -14.69
C THR B 189 -2.00 22.67 -15.66
N VAL B 190 -1.00 23.35 -16.22
CA VAL B 190 -1.25 24.45 -17.14
C VAL B 190 -0.46 24.31 -18.44
N THR B 191 -0.84 25.10 -19.44
CA THR B 191 -0.11 25.15 -20.70
C THR B 191 1.34 25.52 -20.44
N SER B 192 2.26 24.91 -21.18
CA SER B 192 3.68 25.16 -21.00
C SER B 192 4.03 26.62 -21.24
N SER B 193 3.27 27.28 -22.11
CA SER B 193 3.51 28.69 -22.41
C SER B 193 2.90 29.57 -21.33
N THR B 194 2.10 28.97 -20.45
CA THR B 194 1.46 29.70 -19.37
C THR B 194 2.42 29.96 -18.21
N TRP B 195 3.31 29.00 -17.97
CA TRP B 195 4.23 29.08 -16.84
C TRP B 195 5.63 28.65 -17.28
N PRO B 196 6.67 29.32 -16.76
CA PRO B 196 6.60 30.34 -15.71
C PRO B 196 6.41 31.76 -16.24
N SER B 197 5.99 31.89 -17.50
CA SER B 197 5.75 33.20 -18.09
C SER B 197 4.75 33.98 -17.23
N GLN B 198 3.78 33.27 -16.68
CA GLN B 198 2.80 33.87 -15.77
C GLN B 198 2.96 33.33 -14.36
N SER B 199 2.51 34.11 -13.38
CA SER B 199 2.73 33.79 -11.98
C SER B 199 1.63 32.90 -11.39
N ILE B 200 2.05 31.76 -10.85
CA ILE B 200 1.13 30.85 -10.16
C ILE B 200 1.56 30.70 -8.71
N THR B 201 0.67 31.06 -7.78
CA THR B 201 0.98 31.02 -6.37
C THR B 201 0.02 30.09 -5.62
N CYS B 202 0.54 29.45 -4.57
CA CYS B 202 -0.26 28.57 -3.73
C CYS B 202 -0.67 29.26 -2.43
N ASN B 203 -1.98 29.34 -2.19
CA ASN B 203 -2.50 29.98 -1.00
C ASN B 203 -3.04 28.97 -0.01
N VAL B 204 -2.47 28.93 1.19
CA VAL B 204 -2.93 28.02 2.22
C VAL B 204 -3.37 28.79 3.46
N ALA B 205 -4.49 28.36 4.04
CA ALA B 205 -5.01 28.98 5.24
C ALA B 205 -5.42 27.91 6.25
N HIS B 206 -5.00 28.09 7.50
CA HIS B 206 -5.31 27.14 8.56
C HIS B 206 -5.78 27.90 9.80
N PRO B 207 -7.09 28.16 9.89
CA PRO B 207 -7.73 28.96 10.94
C PRO B 207 -7.31 28.56 12.35
N ALA B 208 -7.26 27.27 12.63
CA ALA B 208 -6.95 26.77 13.97
C ALA B 208 -5.59 27.25 14.47
N SER B 209 -4.76 27.78 13.57
CA SER B 209 -3.45 28.29 13.93
C SER B 209 -3.25 29.70 13.41
N SER B 210 -4.32 30.29 12.87
CA SER B 210 -4.24 31.61 12.25
C SER B 210 -3.18 31.65 11.15
N THR B 211 -2.92 30.50 10.55
CA THR B 211 -1.97 30.43 9.44
C THR B 211 -2.62 30.91 8.15
N LYS B 212 -1.91 31.80 7.44
CA LYS B 212 -2.38 32.31 6.16
C LYS B 212 -1.16 32.61 5.30
N VAL B 213 -0.75 31.62 4.50
CA VAL B 213 0.53 31.68 3.78
C VAL B 213 0.38 31.59 2.27
N ASP B 214 1.23 32.33 1.56
CA ASP B 214 1.32 32.26 0.11
C ASP B 214 2.68 31.76 -0.33
N LYS B 215 2.70 30.80 -1.25
CA LYS B 215 3.94 30.23 -1.76
C LYS B 215 3.94 30.18 -3.29
N LYS B 216 4.76 31.03 -3.90
CA LYS B 216 4.86 31.11 -5.36
C LYS B 216 5.71 29.98 -5.92
N ILE B 217 5.26 29.38 -7.01
CA ILE B 217 6.00 28.29 -7.65
C ILE B 217 7.04 28.84 -8.62
N GLU B 218 8.30 28.80 -8.20
CA GLU B 218 9.40 29.32 -9.00
C GLU B 218 10.19 28.19 -9.66
N PRO B 219 10.53 28.34 -10.94
CA PRO B 219 11.36 27.35 -11.63
C PRO B 219 12.78 27.34 -11.09
N ASP C 1 31.81 5.64 -15.44
CA ASP C 1 31.66 4.19 -15.35
C ASP C 1 31.27 3.61 -16.70
N ILE C 2 31.40 2.30 -16.82
CA ILE C 2 30.94 1.60 -18.01
C ILE C 2 29.54 1.03 -17.75
N GLN C 3 28.54 1.65 -18.36
CA GLN C 3 27.16 1.22 -18.17
C GLN C 3 26.83 0.01 -19.03
N MET C 4 26.39 -1.06 -18.37
CA MET C 4 25.98 -2.27 -19.07
C MET C 4 24.46 -2.28 -19.22
N ASN C 5 23.98 -2.15 -20.45
CA ASN C 5 22.56 -2.14 -20.72
C ASN C 5 22.06 -3.52 -21.09
N GLN C 6 21.47 -4.22 -20.12
CA GLN C 6 20.99 -5.58 -20.35
C GLN C 6 19.50 -5.60 -20.70
N SER C 7 19.14 -6.44 -21.67
CA SER C 7 17.77 -6.53 -22.14
C SER C 7 17.47 -7.93 -22.67
N PRO C 8 16.23 -8.39 -22.50
CA PRO C 8 15.19 -7.65 -21.76
C PRO C 8 15.38 -7.85 -20.27
N SER C 9 14.72 -7.03 -19.45
CA SER C 9 14.84 -7.15 -18.01
C SER C 9 14.12 -8.40 -17.52
N SER C 10 12.98 -8.70 -18.15
CA SER C 10 12.24 -9.92 -17.85
C SER C 10 11.76 -10.58 -19.14
N LEU C 11 11.79 -11.90 -19.17
CA LEU C 11 11.39 -12.64 -20.35
C LEU C 11 10.48 -13.82 -20.03
N SER C 12 9.30 -13.82 -20.63
CA SER C 12 8.36 -14.92 -20.49
C SER C 12 8.45 -15.83 -21.72
N ALA C 13 8.78 -17.09 -21.50
CA ALA C 13 8.97 -18.03 -22.60
C ALA C 13 8.38 -19.40 -22.30
N SER C 14 8.37 -20.27 -23.32
CA SER C 14 7.95 -21.65 -23.16
C SER C 14 9.17 -22.56 -23.13
N LEU C 15 9.06 -23.68 -22.42
CA LEU C 15 10.14 -24.66 -22.40
C LEU C 15 10.37 -25.17 -23.81
N GLY C 16 11.63 -25.24 -24.21
CA GLY C 16 11.99 -25.64 -25.56
C GLY C 16 12.29 -24.45 -26.45
N ASP C 17 11.87 -23.27 -26.01
CA ASP C 17 12.12 -22.04 -26.78
C ASP C 17 13.61 -21.69 -26.82
N THR C 18 14.03 -21.08 -27.91
CA THR C 18 15.38 -20.51 -27.99
C THR C 18 15.33 -19.12 -27.40
N ILE C 19 16.23 -18.84 -26.45
CA ILE C 19 16.23 -17.55 -25.76
C ILE C 19 17.47 -16.73 -26.06
N SER C 20 17.27 -15.45 -26.33
CA SER C 20 18.38 -14.53 -26.60
C SER C 20 18.41 -13.39 -25.59
N ILE C 21 19.53 -13.24 -24.91
CA ILE C 21 19.70 -12.16 -23.93
C ILE C 21 20.83 -11.23 -24.35
N THR C 22 20.57 -9.93 -24.28
CA THR C 22 21.51 -8.92 -24.76
C THR C 22 21.94 -7.98 -23.65
N CYS C 23 23.23 -7.65 -23.62
CA CYS C 23 23.67 -6.50 -22.83
C CYS C 23 24.73 -5.70 -23.59
N ARG C 24 24.50 -4.40 -23.70
CA ARG C 24 25.37 -3.52 -24.49
C ARG C 24 26.18 -2.59 -23.60
N ALA C 25 27.50 -2.67 -23.74
CA ALA C 25 28.40 -1.83 -22.98
C ALA C 25 28.40 -0.41 -23.53
N SER C 26 28.41 0.56 -22.63
CA SER C 26 28.37 1.97 -23.02
C SER C 26 29.65 2.40 -23.72
N GLN C 27 30.69 1.60 -23.60
CA GLN C 27 31.91 1.80 -24.36
C GLN C 27 32.68 0.50 -24.52
N ASN C 28 33.61 0.47 -25.47
CA ASN C 28 34.32 -0.75 -25.82
C ASN C 28 34.95 -1.45 -24.63
N ILE C 29 34.61 -2.74 -24.47
CA ILE C 29 35.15 -3.54 -23.38
C ILE C 29 35.82 -4.80 -23.92
N ASN C 30 36.12 -4.79 -25.23
CA ASN C 30 36.81 -5.90 -25.86
C ASN C 30 36.01 -7.21 -25.76
N ILE C 31 36.64 -8.25 -25.24
CA ILE C 31 35.97 -9.53 -25.06
C ILE C 31 35.79 -9.84 -23.57
N TRP C 32 35.98 -8.82 -22.73
CA TRP C 32 35.90 -9.02 -21.30
C TRP C 32 34.47 -8.84 -20.78
N LEU C 33 33.65 -9.85 -21.08
CA LEU C 33 32.26 -9.86 -20.71
C LEU C 33 31.94 -11.29 -20.27
N SER C 34 31.38 -11.44 -19.07
CA SER C 34 31.06 -12.76 -18.55
C SER C 34 29.58 -12.86 -18.19
N TRP C 35 29.02 -14.06 -18.35
CA TRP C 35 27.61 -14.28 -18.05
C TRP C 35 27.44 -15.15 -16.81
N TYR C 36 26.44 -14.84 -16.01
CA TYR C 36 26.20 -15.56 -14.77
C TYR C 36 24.74 -16.01 -14.64
N GLN C 37 24.55 -17.21 -14.13
CA GLN C 37 23.21 -17.71 -13.85
C GLN C 37 22.99 -17.67 -12.35
N GLN C 38 21.84 -17.13 -11.93
CA GLN C 38 21.50 -17.12 -10.52
C GLN C 38 20.10 -17.66 -10.30
N LYS C 39 20.02 -18.88 -9.75
CA LYS C 39 18.73 -19.47 -9.40
C LYS C 39 18.25 -18.83 -8.10
N PRO C 40 16.92 -18.86 -7.88
CA PRO C 40 16.33 -18.26 -6.68
C PRO C 40 16.96 -18.78 -5.39
N GLY C 41 17.40 -17.87 -4.54
CA GLY C 41 18.00 -18.24 -3.26
C GLY C 41 19.41 -18.76 -3.39
N ASN C 42 19.89 -18.87 -4.62
CA ASN C 42 21.25 -19.34 -4.88
C ASN C 42 22.24 -18.21 -5.11
N VAL C 43 23.52 -18.55 -5.20
CA VAL C 43 24.54 -17.60 -5.55
C VAL C 43 24.80 -17.65 -7.05
N PRO C 44 25.23 -16.53 -7.65
CA PRO C 44 25.51 -16.48 -9.09
C PRO C 44 26.58 -17.49 -9.48
N LYS C 45 26.41 -18.13 -10.63
CA LYS C 45 27.38 -19.10 -11.13
C LYS C 45 27.83 -18.71 -12.53
N LEU C 46 29.13 -18.85 -12.79
CA LEU C 46 29.70 -18.49 -14.09
C LEU C 46 29.18 -19.38 -15.21
N LEU C 47 28.76 -18.76 -16.30
CA LEU C 47 28.29 -19.49 -17.48
C LEU C 47 29.31 -19.40 -18.61
N ILE C 48 29.58 -18.18 -19.05
CA ILE C 48 30.52 -17.89 -20.12
C ILE C 48 31.50 -16.84 -19.63
N TYR C 49 32.79 -17.02 -19.92
CA TYR C 49 33.75 -16.02 -19.46
C TYR C 49 34.32 -15.09 -20.54
N LYS C 50 35.11 -15.61 -21.46
CA LYS C 50 35.75 -14.73 -22.45
C LYS C 50 34.81 -14.35 -23.58
N ALA C 51 33.58 -13.98 -23.22
CA ALA C 51 32.55 -13.59 -24.18
C ALA C 51 31.90 -14.78 -24.89
N SER C 52 32.64 -15.87 -25.05
CA SER C 52 32.13 -17.03 -25.78
C SER C 52 32.56 -18.37 -25.18
N ASN C 53 33.45 -18.32 -24.20
CA ASN C 53 34.01 -19.54 -23.62
C ASN C 53 33.13 -20.17 -22.54
N LEU C 54 32.57 -21.33 -22.84
CA LEU C 54 31.75 -22.07 -21.88
C LEU C 54 32.55 -22.41 -20.63
N HIS C 55 31.93 -22.22 -19.47
CA HIS C 55 32.54 -22.59 -18.21
C HIS C 55 32.46 -24.10 -18.03
N THR C 56 33.36 -24.65 -17.22
CA THR C 56 33.52 -26.10 -17.10
C THR C 56 32.22 -26.91 -16.97
N GLY C 57 31.28 -26.43 -16.15
CA GLY C 57 30.09 -27.21 -15.87
C GLY C 57 28.88 -26.93 -16.75
N VAL C 58 29.02 -26.01 -17.69
CA VAL C 58 27.87 -25.51 -18.46
C VAL C 58 27.49 -26.39 -19.66
N PRO C 59 26.18 -26.65 -19.81
CA PRO C 59 25.61 -27.39 -20.94
C PRO C 59 25.79 -26.65 -22.26
N SER C 60 25.92 -27.41 -23.35
CA SER C 60 26.21 -26.88 -24.67
C SER C 60 25.10 -25.99 -25.24
N ARG C 61 23.89 -26.14 -24.72
CA ARG C 61 22.76 -25.34 -25.21
C ARG C 61 22.96 -23.86 -24.90
N PHE C 62 23.89 -23.56 -24.00
CA PHE C 62 24.27 -22.18 -23.71
C PHE C 62 25.39 -21.76 -24.66
N SER C 63 25.37 -20.51 -25.09
CA SER C 63 26.42 -19.98 -25.95
C SER C 63 26.49 -18.45 -25.85
N GLY C 64 27.70 -17.92 -25.99
CA GLY C 64 27.91 -16.49 -25.95
C GLY C 64 28.65 -15.98 -27.17
N SER C 65 28.34 -14.75 -27.58
CA SER C 65 29.01 -14.14 -28.73
C SER C 65 29.07 -12.62 -28.59
N GLY C 66 29.87 -11.98 -29.43
CA GLY C 66 29.99 -10.54 -29.42
C GLY C 66 31.40 -10.08 -29.10
N SER C 67 31.68 -8.82 -29.39
CA SER C 67 32.99 -8.22 -29.13
C SER C 67 32.90 -6.71 -29.28
N GLY C 68 33.32 -5.99 -28.25
CA GLY C 68 33.29 -4.53 -28.27
C GLY C 68 32.25 -3.95 -27.34
N THR C 69 31.03 -3.80 -27.84
CA THR C 69 29.93 -3.24 -27.05
C THR C 69 28.74 -4.18 -26.98
N ASP C 70 28.51 -4.93 -28.04
CA ASP C 70 27.34 -5.80 -28.13
C ASP C 70 27.69 -7.25 -27.87
N PHE C 71 27.02 -7.85 -26.87
CA PHE C 71 27.26 -9.23 -26.51
C PHE C 71 25.93 -9.97 -26.35
N THR C 72 25.91 -11.22 -26.79
CA THR C 72 24.66 -11.99 -26.78
C THR C 72 24.83 -13.37 -26.15
N LEU C 73 23.98 -13.66 -25.18
CA LEU C 73 23.89 -14.99 -24.59
C LEU C 73 22.66 -15.69 -25.14
N ILE C 74 22.83 -16.91 -25.61
CA ILE C 74 21.72 -17.65 -26.20
C ILE C 74 21.53 -19.02 -25.53
N ILE C 75 20.29 -19.33 -25.20
CA ILE C 75 19.92 -20.66 -24.72
C ILE C 75 19.08 -21.33 -25.80
N SER C 76 19.65 -22.36 -26.42
CA SER C 76 19.09 -22.93 -27.65
C SER C 76 17.76 -23.68 -27.46
N SER C 77 17.52 -24.16 -26.25
CA SER C 77 16.31 -24.93 -25.96
C SER C 77 16.07 -24.91 -24.47
N LEU C 78 15.22 -23.98 -24.03
CA LEU C 78 15.01 -23.71 -22.62
C LEU C 78 14.55 -24.94 -21.84
N GLN C 79 15.34 -25.31 -20.84
CA GLN C 79 14.99 -26.41 -19.94
C GLN C 79 14.59 -25.88 -18.57
N PRO C 80 13.80 -26.66 -17.81
CA PRO C 80 13.29 -26.25 -16.50
C PRO C 80 14.38 -25.73 -15.56
N GLU C 81 15.55 -26.36 -15.60
CA GLU C 81 16.65 -25.98 -14.70
C GLU C 81 17.32 -24.69 -15.14
N ASP C 82 16.89 -24.15 -16.27
CA ASP C 82 17.44 -22.90 -16.78
C ASP C 82 16.72 -21.68 -16.20
N ILE C 83 15.55 -21.91 -15.63
CA ILE C 83 14.76 -20.81 -15.08
C ILE C 83 15.50 -20.09 -13.95
N ALA C 84 15.95 -18.88 -14.24
CA ALA C 84 16.74 -18.12 -13.29
C ALA C 84 16.86 -16.67 -13.74
N THR C 85 17.71 -15.91 -13.05
CA THR C 85 18.05 -14.56 -13.47
C THR C 85 19.49 -14.53 -13.94
N TYR C 86 19.72 -13.92 -15.10
CA TYR C 86 21.04 -13.91 -15.70
C TYR C 86 21.66 -12.51 -15.69
N TYR C 87 22.96 -12.44 -15.47
CA TYR C 87 23.67 -11.17 -15.47
C TYR C 87 24.90 -11.22 -16.35
N CYS C 88 25.18 -10.13 -17.06
CA CYS C 88 26.46 -9.97 -17.73
C CYS C 88 27.35 -9.09 -16.86
N LEU C 89 28.66 -9.22 -17.02
CA LEU C 89 29.60 -8.44 -16.22
C LEU C 89 30.85 -8.10 -17.04
N GLN C 90 31.18 -6.82 -17.10
CA GLN C 90 32.40 -6.39 -17.77
C GLN C 90 33.57 -6.39 -16.78
N GLY C 91 34.73 -6.81 -17.26
CA GLY C 91 35.92 -6.85 -16.43
C GLY C 91 37.05 -6.04 -17.02
N GLN C 92 36.70 -4.99 -17.76
CA GLN C 92 37.68 -4.13 -18.41
C GLN C 92 38.11 -2.96 -17.51
N SER C 93 37.13 -2.30 -16.89
CA SER C 93 37.39 -1.04 -16.21
C SER C 93 36.74 -0.95 -14.82
N TYR C 94 37.30 -0.11 -13.97
CA TYR C 94 36.72 0.18 -12.66
C TYR C 94 35.78 1.38 -12.73
N PRO C 95 34.64 1.30 -12.04
CA PRO C 95 34.26 0.14 -11.23
C PRO C 95 33.69 -0.99 -12.07
N ARG C 96 33.89 -2.23 -11.64
CA ARG C 96 33.26 -3.38 -12.27
C ARG C 96 31.75 -3.18 -12.22
N THR C 97 31.09 -3.36 -13.36
CA THR C 97 29.65 -3.12 -13.41
C THR C 97 28.88 -4.30 -13.99
N PHE C 98 27.78 -4.64 -13.34
CA PHE C 98 26.90 -5.71 -13.79
C PHE C 98 25.79 -5.16 -14.67
N GLY C 99 25.22 -6.01 -15.50
CA GLY C 99 24.00 -5.65 -16.21
C GLY C 99 22.85 -5.68 -15.23
N GLY C 100 21.73 -5.07 -15.60
CA GLY C 100 20.56 -5.04 -14.75
C GLY C 100 20.00 -6.41 -14.48
N GLY C 101 20.34 -7.37 -15.33
CA GLY C 101 19.87 -8.73 -15.17
C GLY C 101 18.65 -9.05 -16.02
N THR C 102 18.46 -10.34 -16.31
CA THR C 102 17.29 -10.80 -17.05
C THR C 102 16.64 -11.98 -16.34
N LYS C 103 15.39 -11.79 -15.90
CA LYS C 103 14.67 -12.83 -15.17
C LYS C 103 13.77 -13.65 -16.09
N LEU C 104 14.02 -14.97 -16.12
CA LEU C 104 13.26 -15.88 -16.96
C LEU C 104 12.01 -16.42 -16.26
N GLU C 105 10.88 -16.30 -16.96
CA GLU C 105 9.60 -16.78 -16.45
C GLU C 105 8.98 -17.73 -17.47
N ILE C 106 8.10 -18.61 -17.01
CA ILE C 106 7.50 -19.61 -17.88
C ILE C 106 6.05 -19.29 -18.21
N LYS C 107 5.67 -19.49 -19.46
CA LYS C 107 4.28 -19.27 -19.89
C LYS C 107 3.43 -20.51 -19.67
N ARG C 108 2.18 -20.28 -19.27
CA ARG C 108 1.22 -21.37 -19.09
C ARG C 108 -0.20 -20.84 -19.32
N GLY C 109 -1.18 -21.73 -19.25
CA GLY C 109 -2.57 -21.34 -19.38
C GLY C 109 -3.02 -20.43 -18.24
N ASP C 110 -3.94 -19.52 -18.53
CA ASP C 110 -4.47 -18.63 -17.51
C ASP C 110 -5.16 -19.44 -16.42
N ALA C 111 -5.14 -18.93 -15.19
CA ALA C 111 -5.77 -19.62 -14.07
C ALA C 111 -6.31 -18.64 -13.03
N ALA C 112 -7.55 -18.86 -12.62
CA ALA C 112 -8.17 -18.00 -11.62
C ALA C 112 -7.56 -18.28 -10.25
N PRO C 113 -7.40 -17.22 -9.44
CA PRO C 113 -6.87 -17.39 -8.08
C PRO C 113 -7.82 -18.20 -7.21
N THR C 114 -7.27 -19.04 -6.34
CA THR C 114 -8.08 -19.70 -5.32
C THR C 114 -7.97 -18.86 -4.04
N VAL C 115 -9.10 -18.29 -3.62
CA VAL C 115 -9.10 -17.33 -2.51
C VAL C 115 -9.62 -17.94 -1.21
N SER C 116 -8.88 -17.71 -0.13
CA SER C 116 -9.26 -18.21 1.19
C SER C 116 -9.03 -17.14 2.26
N ILE C 117 -10.05 -16.88 3.07
CA ILE C 117 -9.95 -15.87 4.12
C ILE C 117 -9.89 -16.50 5.51
N PHE C 118 -9.10 -15.88 6.39
CA PHE C 118 -8.92 -16.39 7.74
C PHE C 118 -9.05 -15.29 8.79
N PRO C 119 -10.09 -15.38 9.64
CA PRO C 119 -10.29 -14.44 10.73
C PRO C 119 -9.16 -14.53 11.75
N PRO C 120 -8.99 -13.48 12.56
CA PRO C 120 -7.97 -13.52 13.62
C PRO C 120 -8.07 -14.81 14.44
N SER C 121 -6.95 -15.29 14.95
CA SER C 121 -6.94 -16.48 15.79
C SER C 121 -7.23 -16.10 17.23
N SER C 122 -7.66 -17.07 18.03
CA SER C 122 -7.97 -16.83 19.43
C SER C 122 -6.72 -16.42 20.21
N GLU C 123 -5.58 -16.97 19.83
CA GLU C 123 -4.31 -16.64 20.48
C GLU C 123 -3.96 -15.18 20.30
N GLN C 124 -4.11 -14.69 19.07
CA GLN C 124 -3.74 -13.30 18.77
C GLN C 124 -4.67 -12.31 19.45
N LEU C 125 -5.97 -12.60 19.45
CA LEU C 125 -6.94 -11.73 20.09
C LEU C 125 -6.63 -11.58 21.58
N THR C 126 -6.12 -12.64 22.19
CA THR C 126 -5.68 -12.57 23.58
C THR C 126 -4.52 -11.59 23.72
N SER C 127 -3.64 -11.59 22.73
CA SER C 127 -2.50 -10.67 22.72
C SER C 127 -2.96 -9.23 22.49
N GLY C 128 -4.21 -9.07 22.08
CA GLY C 128 -4.77 -7.75 21.85
C GLY C 128 -4.61 -7.28 20.42
N GLY C 129 -4.32 -8.22 19.52
CA GLY C 129 -4.14 -7.89 18.11
C GLY C 129 -5.19 -8.57 17.24
N ALA C 130 -5.30 -8.13 15.99
CA ALA C 130 -6.29 -8.69 15.08
C ALA C 130 -5.84 -8.64 13.63
N SER C 131 -5.30 -9.75 13.14
CA SER C 131 -4.89 -9.85 11.75
C SER C 131 -5.85 -10.73 10.97
N VAL C 132 -6.39 -10.20 9.87
CA VAL C 132 -7.19 -10.98 8.95
C VAL C 132 -6.34 -11.33 7.73
N VAL C 133 -6.32 -12.60 7.37
CA VAL C 133 -5.45 -13.09 6.31
C VAL C 133 -6.19 -13.57 5.07
N CYS C 134 -5.67 -13.16 3.91
CA CYS C 134 -6.23 -13.61 2.64
C CYS C 134 -5.17 -14.27 1.76
N PHE C 135 -5.39 -15.52 1.38
CA PHE C 135 -4.50 -16.21 0.43
C PHE C 135 -5.14 -16.21 -0.95
N LEU C 136 -4.39 -15.75 -1.94
CA LEU C 136 -4.81 -15.84 -3.33
C LEU C 136 -3.81 -16.73 -4.05
N ASN C 137 -4.15 -17.99 -4.24
CA ASN C 137 -3.18 -18.99 -4.65
C ASN C 137 -3.32 -19.53 -6.08
N ASN C 138 -2.17 -19.90 -6.66
CA ASN C 138 -2.11 -20.58 -7.94
C ASN C 138 -2.86 -19.89 -9.07
N PHE C 139 -2.53 -18.63 -9.32
CA PHE C 139 -3.13 -17.89 -10.43
C PHE C 139 -2.12 -17.57 -11.52
N TYR C 140 -2.62 -17.22 -12.70
CA TYR C 140 -1.78 -16.82 -13.82
C TYR C 140 -2.64 -16.08 -14.84
N PRO C 141 -2.15 -14.94 -15.36
CA PRO C 141 -0.83 -14.31 -15.17
C PRO C 141 -0.61 -13.74 -13.77
N LYS C 142 0.60 -13.21 -13.55
CA LYS C 142 1.06 -12.76 -12.23
C LYS C 142 0.35 -11.48 -11.77
N ASP C 143 -0.14 -10.70 -12.71
CA ASP C 143 -0.76 -9.41 -12.38
C ASP C 143 -2.07 -9.63 -11.62
N ILE C 144 -2.21 -8.95 -10.49
CA ILE C 144 -3.40 -9.12 -9.66
C ILE C 144 -3.56 -7.99 -8.64
N ASN C 145 -4.82 -7.68 -8.32
CA ASN C 145 -5.13 -6.69 -7.29
C ASN C 145 -5.97 -7.26 -6.18
N VAL C 146 -5.61 -6.94 -4.94
CA VAL C 146 -6.39 -7.34 -3.79
C VAL C 146 -6.99 -6.11 -3.12
N LYS C 147 -8.25 -6.21 -2.76
CA LYS C 147 -8.95 -5.10 -2.11
C LYS C 147 -9.67 -5.59 -0.86
N TRP C 148 -9.37 -4.97 0.28
CA TRP C 148 -10.07 -5.29 1.51
C TRP C 148 -11.19 -4.31 1.81
N LYS C 149 -12.30 -4.85 2.29
CA LYS C 149 -13.47 -4.04 2.65
C LYS C 149 -13.94 -4.37 4.06
N ILE C 150 -14.02 -3.36 4.91
CA ILE C 150 -14.56 -3.53 6.25
C ILE C 150 -15.95 -2.92 6.33
N ASP C 151 -16.95 -3.77 6.58
CA ASP C 151 -18.34 -3.33 6.58
C ASP C 151 -18.67 -2.56 5.30
N GLY C 152 -18.34 -3.17 4.17
CA GLY C 152 -18.66 -2.59 2.87
C GLY C 152 -17.64 -1.59 2.36
N SER C 153 -16.95 -0.90 3.26
CA SER C 153 -16.06 0.18 2.88
C SER C 153 -14.61 -0.26 2.67
N GLU C 154 -14.08 0.03 1.49
CA GLU C 154 -12.70 -0.29 1.15
C GLU C 154 -11.71 0.31 2.16
N ARG C 155 -10.57 -0.35 2.31
CA ARG C 155 -9.52 0.16 3.19
C ARG C 155 -8.13 -0.38 2.86
N GLN C 156 -7.20 0.52 2.60
CA GLN C 156 -5.78 0.17 2.56
C GLN C 156 -5.27 0.32 3.97
N ASN C 157 -4.04 0.77 4.13
CA ASN C 157 -3.51 1.12 5.45
C ASN C 157 -3.62 -0.04 6.45
N GLY C 158 -2.46 -0.58 6.82
CA GLY C 158 -2.43 -1.72 7.72
C GLY C 158 -2.53 -3.02 6.93
N VAL C 159 -2.50 -2.89 5.61
CA VAL C 159 -2.52 -4.05 4.72
C VAL C 159 -1.09 -4.47 4.37
N LEU C 160 -0.81 -5.76 4.55
CA LEU C 160 0.52 -6.30 4.28
C LEU C 160 0.44 -7.33 3.16
N ASN C 161 1.12 -7.06 2.05
CA ASN C 161 1.09 -7.94 0.88
C ASN C 161 2.42 -8.61 0.60
N SER C 162 2.37 -9.88 0.18
CA SER C 162 3.58 -10.60 -0.18
C SER C 162 3.31 -11.56 -1.35
N TRP C 163 4.26 -11.64 -2.28
CA TRP C 163 4.10 -12.47 -3.48
C TRP C 163 5.21 -13.50 -3.59
N THR C 164 4.85 -14.72 -3.97
CA THR C 164 5.83 -15.77 -4.19
C THR C 164 6.40 -15.69 -5.59
N ASP C 165 7.59 -16.24 -5.78
CA ASP C 165 8.14 -16.44 -7.11
C ASP C 165 7.28 -17.45 -7.85
N GLN C 166 7.42 -17.51 -9.17
CA GLN C 166 6.68 -18.49 -9.95
C GLN C 166 6.91 -19.88 -9.38
N ASP C 167 5.82 -20.63 -9.21
CA ASP C 167 5.90 -21.97 -8.64
C ASP C 167 6.66 -22.93 -9.55
N SER C 168 7.59 -23.69 -8.96
CA SER C 168 8.47 -24.55 -9.74
C SER C 168 7.81 -25.83 -10.22
N LYS C 169 6.58 -26.08 -9.78
CA LYS C 169 5.86 -27.29 -10.18
C LYS C 169 4.72 -27.04 -11.16
N ASP C 170 4.08 -25.88 -11.08
CA ASP C 170 2.96 -25.59 -11.99
C ASP C 170 3.02 -24.20 -12.61
N SER C 171 4.12 -23.50 -12.37
CA SER C 171 4.36 -22.16 -12.93
C SER C 171 3.25 -21.14 -12.68
N THR C 172 2.46 -21.34 -11.62
CA THR C 172 1.49 -20.33 -11.20
C THR C 172 2.11 -19.39 -10.19
N TYR C 173 1.35 -18.37 -9.81
CA TYR C 173 1.78 -17.41 -8.79
C TYR C 173 0.81 -17.46 -7.62
N SER C 174 1.27 -16.97 -6.46
CA SER C 174 0.42 -16.90 -5.28
C SER C 174 0.64 -15.59 -4.55
N MET C 175 -0.33 -15.22 -3.72
CA MET C 175 -0.26 -13.95 -3.00
C MET C 175 -0.89 -14.06 -1.61
N SER C 176 -0.24 -13.44 -0.63
CA SER C 176 -0.79 -13.37 0.72
C SER C 176 -1.01 -11.93 1.12
N SER C 177 -2.21 -11.63 1.61
CA SER C 177 -2.53 -10.29 2.06
C SER C 177 -3.02 -10.32 3.50
N THR C 178 -2.44 -9.47 4.34
CA THR C 178 -2.78 -9.44 5.76
C THR C 178 -3.19 -8.05 6.22
N LEU C 179 -4.44 -7.94 6.69
CA LEU C 179 -4.94 -6.69 7.23
C LEU C 179 -4.90 -6.73 8.76
N THR C 180 -3.93 -6.02 9.33
CA THR C 180 -3.79 -5.99 10.78
C THR C 180 -4.51 -4.80 11.39
N LEU C 181 -5.37 -5.08 12.36
CA LEU C 181 -6.09 -4.03 13.10
C LEU C 181 -5.82 -4.20 14.59
N THR C 182 -6.21 -3.21 15.37
CA THR C 182 -6.23 -3.34 16.82
C THR C 182 -7.46 -4.18 17.17
N LYS C 183 -7.41 -4.88 18.30
CA LYS C 183 -8.55 -5.71 18.71
C LYS C 183 -9.82 -4.88 18.84
N ASP C 184 -9.68 -3.65 19.35
CA ASP C 184 -10.79 -2.72 19.44
C ASP C 184 -11.47 -2.52 18.09
N GLU C 185 -10.70 -2.00 17.14
CA GLU C 185 -11.19 -1.75 15.78
C GLU C 185 -11.88 -2.97 15.19
N TYR C 186 -11.25 -4.13 15.33
CA TYR C 186 -11.80 -5.37 14.80
C TYR C 186 -13.17 -5.68 15.39
N GLU C 187 -13.29 -5.53 16.71
CA GLU C 187 -14.52 -5.85 17.41
C GLU C 187 -15.59 -4.77 17.23
N ARG C 188 -15.23 -3.68 16.57
CA ARG C 188 -16.19 -2.61 16.30
C ARG C 188 -16.81 -2.75 14.92
N HIS C 189 -16.49 -3.85 14.23
CA HIS C 189 -17.01 -4.09 12.89
C HIS C 189 -17.39 -5.55 12.70
N ASN C 190 -18.31 -5.80 11.77
CA ASN C 190 -18.81 -7.15 11.54
C ASN C 190 -18.25 -7.83 10.29
N SER C 191 -18.57 -7.26 9.13
CA SER C 191 -18.21 -7.86 7.85
C SER C 191 -16.76 -7.58 7.45
N TYR C 192 -16.05 -8.64 7.09
CA TYR C 192 -14.69 -8.51 6.56
C TYR C 192 -14.61 -9.25 5.23
N THR C 193 -14.06 -8.57 4.22
CA THR C 193 -14.11 -9.07 2.85
C THR C 193 -12.79 -8.93 2.09
N CYS C 194 -12.44 -9.99 1.36
CA CYS C 194 -11.27 -9.99 0.50
C CYS C 194 -11.73 -10.08 -0.96
N GLU C 195 -11.30 -9.15 -1.79
CA GLU C 195 -11.69 -9.16 -3.20
C GLU C 195 -10.47 -9.24 -4.10
N ALA C 196 -10.50 -10.20 -5.02
CA ALA C 196 -9.40 -10.39 -5.95
C ALA C 196 -9.81 -9.95 -7.35
N THR C 197 -9.02 -9.06 -7.95
CA THR C 197 -9.22 -8.65 -9.32
C THR C 197 -8.10 -9.22 -10.20
N HIS C 198 -8.48 -10.03 -11.18
CA HIS C 198 -7.51 -10.76 -11.99
C HIS C 198 -8.04 -10.87 -13.42
N LYS C 199 -7.15 -10.77 -14.39
CA LYS C 199 -7.55 -10.70 -15.80
C LYS C 199 -8.39 -11.90 -16.24
N THR C 200 -8.34 -12.97 -15.45
CA THR C 200 -9.06 -14.19 -15.78
C THR C 200 -10.57 -14.03 -15.62
N SER C 201 -11.01 -12.83 -15.26
CA SER C 201 -12.43 -12.55 -15.10
C SER C 201 -12.71 -11.05 -14.96
N THR C 202 -13.88 -10.63 -15.44
CA THR C 202 -14.28 -9.23 -15.35
C THR C 202 -14.77 -8.87 -13.96
N SER C 203 -15.30 -9.87 -13.25
CA SER C 203 -15.82 -9.67 -11.91
C SER C 203 -14.76 -10.02 -10.87
N PRO C 204 -14.72 -9.24 -9.78
CA PRO C 204 -13.81 -9.55 -8.67
C PRO C 204 -14.22 -10.85 -7.96
N ILE C 205 -13.24 -11.60 -7.47
CA ILE C 205 -13.53 -12.79 -6.68
C ILE C 205 -13.63 -12.39 -5.21
N VAL C 206 -14.74 -12.73 -4.59
CA VAL C 206 -15.02 -12.27 -3.23
C VAL C 206 -15.04 -13.39 -2.20
N LYS C 207 -14.32 -13.17 -1.10
CA LYS C 207 -14.37 -14.05 0.05
C LYS C 207 -14.68 -13.24 1.29
N SER C 208 -15.59 -13.73 2.12
CA SER C 208 -16.05 -12.97 3.27
C SER C 208 -16.39 -13.82 4.49
N PHE C 209 -16.45 -13.16 5.64
CA PHE C 209 -16.97 -13.77 6.86
C PHE C 209 -17.51 -12.67 7.76
N ASN C 210 -18.50 -12.99 8.57
CA ASN C 210 -19.08 -12.01 9.49
C ASN C 210 -18.72 -12.33 10.94
N ARG C 211 -18.24 -11.31 11.64
CA ARG C 211 -18.08 -11.37 13.10
C ARG C 211 -16.93 -10.47 13.58
N GLY C 212 -16.77 -10.40 14.89
CA GLY C 212 -15.80 -9.51 15.51
C GLY C 212 -16.52 -8.45 16.32
N GLU D 1 36.64 -28.06 -5.64
CA GLU D 1 38.06 -27.83 -5.48
C GLU D 1 38.32 -26.44 -4.88
N VAL D 2 38.26 -25.41 -5.72
CA VAL D 2 38.40 -24.05 -5.24
C VAL D 2 37.22 -23.71 -4.32
N LYS D 3 37.53 -23.23 -3.13
CA LYS D 3 36.50 -23.01 -2.11
C LYS D 3 36.68 -21.67 -1.40
N LEU D 4 35.59 -20.91 -1.30
CA LEU D 4 35.60 -19.62 -0.63
C LEU D 4 34.51 -19.58 0.44
N VAL D 5 34.92 -19.42 1.69
CA VAL D 5 34.00 -19.39 2.81
C VAL D 5 34.11 -18.08 3.59
N GLU D 6 33.01 -17.34 3.64
CA GLU D 6 33.02 -16.06 4.35
C GLU D 6 32.27 -16.11 5.67
N SER D 7 32.60 -15.17 6.57
CA SER D 7 31.98 -15.10 7.89
C SER D 7 32.13 -13.69 8.47
N GLY D 8 31.42 -13.42 9.55
CA GLY D 8 31.51 -12.15 10.22
C GLY D 8 30.23 -11.33 10.15
N GLY D 9 29.27 -11.79 9.35
CA GLY D 9 28.02 -11.08 9.19
C GLY D 9 27.16 -11.11 10.44
N GLY D 10 26.05 -10.38 10.42
CA GLY D 10 25.14 -10.31 11.54
C GLY D 10 24.32 -9.04 11.56
N LEU D 11 23.62 -8.82 12.67
CA LEU D 11 22.82 -7.60 12.84
C LEU D 11 23.67 -6.52 13.50
N VAL D 12 23.64 -5.32 12.94
CA VAL D 12 24.44 -4.22 13.45
C VAL D 12 23.71 -2.88 13.38
N GLN D 13 23.91 -2.06 14.41
CA GLN D 13 23.35 -0.71 14.45
C GLN D 13 23.97 0.17 13.37
N PRO D 14 23.21 1.14 12.87
CA PRO D 14 23.78 2.11 11.92
C PRO D 14 24.93 2.87 12.58
N GLY D 15 26.00 3.10 11.83
CA GLY D 15 27.20 3.72 12.37
C GLY D 15 28.02 2.74 13.19
N GLY D 16 27.57 1.49 13.21
CA GLY D 16 28.19 0.45 14.03
C GLY D 16 29.63 0.13 13.66
N SER D 17 29.82 -1.00 12.99
CA SER D 17 31.13 -1.48 12.53
C SER D 17 31.10 -3.00 12.40
N LEU D 18 31.63 -3.51 11.30
CA LEU D 18 31.58 -4.95 11.04
C LEU D 18 32.85 -5.44 10.34
N SER D 19 33.26 -6.67 10.65
CA SER D 19 34.50 -7.22 10.12
C SER D 19 34.28 -8.57 9.46
N LEU D 20 34.29 -8.59 8.13
CA LEU D 20 34.07 -9.81 7.36
C LEU D 20 35.38 -10.53 7.00
N SER D 21 35.35 -11.86 7.01
CA SER D 21 36.52 -12.67 6.67
C SER D 21 36.17 -13.67 5.59
N CYS D 22 37.18 -14.09 4.83
CA CYS D 22 36.96 -15.05 3.75
C CYS D 22 38.10 -16.05 3.63
N ALA D 23 37.86 -17.27 4.09
CA ALA D 23 38.85 -18.34 4.00
C ALA D 23 38.88 -18.94 2.60
N ALA D 24 40.06 -18.93 1.98
CA ALA D 24 40.22 -19.44 0.63
C ALA D 24 41.07 -20.71 0.60
N SER D 25 40.73 -21.62 -0.31
CA SER D 25 41.48 -22.85 -0.48
C SER D 25 41.18 -23.48 -1.83
N GLY D 26 42.01 -24.44 -2.24
CA GLY D 26 41.80 -25.13 -3.50
C GLY D 26 42.51 -24.45 -4.66
N PHE D 27 43.31 -23.44 -4.33
CA PHE D 27 44.07 -22.72 -5.35
C PHE D 27 45.14 -21.85 -4.69
N THR D 28 46.10 -21.40 -5.49
CA THR D 28 47.18 -20.56 -4.98
C THR D 28 46.68 -19.15 -4.69
N PHE D 29 46.32 -18.93 -3.42
CA PHE D 29 45.73 -17.66 -2.98
C PHE D 29 46.48 -16.44 -3.50
N SER D 30 47.81 -16.50 -3.48
CA SER D 30 48.65 -15.35 -3.82
C SER D 30 48.76 -15.08 -5.31
N ASP D 31 48.19 -15.96 -6.14
CA ASP D 31 48.27 -15.80 -7.59
C ASP D 31 47.06 -15.11 -8.18
N TYR D 32 46.13 -14.67 -7.34
CA TYR D 32 44.88 -14.12 -7.83
C TYR D 32 44.46 -12.82 -7.14
N TYR D 33 43.93 -11.90 -7.94
CA TYR D 33 43.25 -10.73 -7.41
C TYR D 33 41.99 -11.23 -6.70
N MET D 34 41.61 -10.56 -5.61
CA MET D 34 40.42 -10.96 -4.87
C MET D 34 39.46 -9.79 -4.77
N THR D 35 38.18 -10.09 -4.55
CA THR D 35 37.16 -9.06 -4.58
C THR D 35 36.03 -9.33 -3.59
N TRP D 36 35.31 -8.27 -3.22
CA TRP D 36 34.09 -8.40 -2.45
C TRP D 36 32.93 -7.87 -3.28
N VAL D 37 31.84 -8.63 -3.30
CA VAL D 37 30.65 -8.24 -4.03
C VAL D 37 29.44 -8.46 -3.15
N ARG D 38 28.52 -7.51 -3.13
CA ARG D 38 27.32 -7.66 -2.32
C ARG D 38 26.07 -7.62 -3.19
N GLN D 39 24.97 -8.13 -2.66
CA GLN D 39 23.69 -8.09 -3.37
C GLN D 39 22.54 -7.85 -2.41
N ALA D 40 21.81 -6.76 -2.64
CA ALA D 40 20.63 -6.43 -1.85
C ALA D 40 19.43 -7.20 -2.39
N PRO D 41 18.34 -7.26 -1.61
CA PRO D 41 17.13 -7.95 -2.05
C PRO D 41 16.59 -7.39 -3.37
N GLY D 42 16.50 -8.25 -4.37
CA GLY D 42 15.92 -7.88 -5.65
C GLY D 42 16.77 -6.95 -6.50
N LYS D 43 18.02 -6.72 -6.09
CA LYS D 43 18.93 -5.90 -6.87
C LYS D 43 19.97 -6.79 -7.56
N ALA D 44 20.60 -6.25 -8.60
CA ALA D 44 21.71 -6.94 -9.23
C ALA D 44 22.91 -6.87 -8.31
N PRO D 45 23.88 -7.77 -8.49
CA PRO D 45 25.09 -7.71 -7.66
C PRO D 45 25.79 -6.36 -7.77
N GLU D 46 26.48 -5.97 -6.71
CA GLU D 46 27.23 -4.72 -6.68
C GLU D 46 28.66 -4.96 -6.28
N TRP D 47 29.59 -4.77 -7.23
CA TRP D 47 31.01 -4.89 -6.92
C TRP D 47 31.43 -3.80 -5.95
N LEU D 48 32.17 -4.18 -4.91
CA LEU D 48 32.52 -3.24 -3.85
C LEU D 48 34.00 -2.88 -3.84
N ALA D 49 34.86 -3.88 -3.97
CA ALA D 49 36.29 -3.64 -3.86
C ALA D 49 37.11 -4.77 -4.46
N LEU D 50 38.31 -4.42 -4.94
CA LEU D 50 39.25 -5.41 -5.45
C LEU D 50 40.61 -5.18 -4.80
N ILE D 51 41.36 -6.26 -4.58
CA ILE D 51 42.72 -6.16 -4.07
C ILE D 51 43.66 -7.03 -4.90
N ARG D 52 44.75 -6.42 -5.37
CA ARG D 52 45.72 -7.12 -6.20
C ARG D 52 46.61 -8.01 -5.34
N ASN D 53 47.48 -8.80 -5.97
CA ASN D 53 48.32 -9.74 -5.25
C ASN D 53 49.69 -9.16 -4.87
N LYS D 54 50.55 -10.01 -4.32
CA LYS D 54 51.88 -9.60 -3.90
C LYS D 54 52.65 -8.94 -5.05
N ARG D 55 52.78 -9.67 -6.15
CA ARG D 55 53.55 -9.22 -7.30
C ARG D 55 53.16 -7.82 -7.75
N ASN D 56 51.96 -7.38 -7.37
CA ASN D 56 51.45 -6.10 -7.82
C ASN D 56 51.26 -5.06 -6.71
N GLY D 57 51.64 -5.42 -5.49
CA GLY D 57 51.67 -4.46 -4.39
C GLY D 57 50.43 -4.40 -3.54
N ASP D 58 49.64 -5.47 -3.54
CA ASP D 58 48.46 -5.55 -2.68
C ASP D 58 47.58 -4.31 -2.75
N THR D 59 47.62 -3.60 -3.88
CA THR D 59 46.85 -2.37 -4.04
C THR D 59 45.35 -2.66 -4.11
N ALA D 60 44.54 -1.62 -3.96
CA ALA D 60 43.10 -1.79 -3.84
C ALA D 60 42.28 -0.78 -4.63
N GLU D 61 41.10 -1.20 -5.07
CA GLU D 61 40.13 -0.33 -5.71
C GLU D 61 38.78 -0.45 -4.98
N TYR D 62 38.07 0.66 -4.85
CA TYR D 62 36.79 0.66 -4.16
C TYR D 62 35.70 1.32 -5.00
N SER D 63 34.46 0.91 -4.77
CA SER D 63 33.31 1.56 -5.39
C SER D 63 33.05 2.88 -4.68
N ALA D 64 32.40 3.80 -5.38
CA ALA D 64 32.12 5.13 -4.83
C ALA D 64 31.27 5.06 -3.56
N SER D 65 30.46 4.01 -3.47
CA SER D 65 29.53 3.88 -2.35
C SER D 65 30.19 3.45 -1.05
N VAL D 66 31.39 2.86 -1.13
CA VAL D 66 32.07 2.36 0.06
C VAL D 66 33.45 2.95 0.29
N LYS D 67 34.01 3.63 -0.72
CA LYS D 67 35.35 4.19 -0.57
C LYS D 67 35.40 5.19 0.60
N GLY D 68 36.37 5.02 1.47
CA GLY D 68 36.50 5.85 2.66
C GLY D 68 35.92 5.19 3.90
N ARG D 69 34.95 4.32 3.71
CA ARG D 69 34.30 3.63 4.82
C ARG D 69 34.77 2.18 4.94
N PHE D 70 35.05 1.56 3.80
CA PHE D 70 35.40 0.15 3.75
C PHE D 70 36.87 -0.04 3.45
N THR D 71 37.47 -1.07 4.03
CA THR D 71 38.87 -1.39 3.78
C THR D 71 39.03 -2.89 3.51
N ILE D 72 39.55 -3.22 2.33
CA ILE D 72 39.86 -4.61 2.02
C ILE D 72 41.33 -4.88 2.24
N SER D 73 41.64 -6.11 2.65
CA SER D 73 43.02 -6.52 2.89
C SER D 73 43.12 -8.02 2.76
N ARG D 74 44.34 -8.55 2.72
CA ARG D 74 44.53 -9.99 2.62
C ARG D 74 45.60 -10.50 3.58
N ASP D 75 45.39 -11.72 4.07
CA ASP D 75 46.33 -12.38 4.95
C ASP D 75 46.93 -13.59 4.24
N TYR D 76 48.15 -13.42 3.74
CA TYR D 76 48.80 -14.48 2.98
C TYR D 76 49.21 -15.67 3.85
N SER D 77 49.30 -15.44 5.17
CA SER D 77 49.76 -16.48 6.09
C SER D 77 48.67 -17.51 6.37
N ARG D 78 47.42 -17.15 6.16
CA ARG D 78 46.31 -18.08 6.36
C ARG D 78 45.35 -18.12 5.18
N SER D 79 45.74 -17.48 4.08
CA SER D 79 44.90 -17.41 2.88
C SER D 79 43.51 -16.87 3.21
N ILE D 80 43.47 -15.73 3.89
CA ILE D 80 42.21 -15.12 4.27
C ILE D 80 42.07 -13.72 3.66
N LEU D 81 40.91 -13.43 3.10
CA LEU D 81 40.62 -12.09 2.59
C LEU D 81 39.71 -11.36 3.56
N HIS D 82 40.06 -10.12 3.88
CA HIS D 82 39.30 -9.35 4.86
C HIS D 82 38.55 -8.17 4.23
N LEU D 83 37.42 -7.82 4.82
CA LEU D 83 36.73 -6.59 4.51
C LEU D 83 36.27 -5.95 5.80
N GLN D 84 36.89 -4.83 6.15
CA GLN D 84 36.49 -4.06 7.32
C GLN D 84 35.50 -2.99 6.90
N MET D 85 34.35 -2.94 7.58
CA MET D 85 33.30 -2.02 7.21
C MET D 85 32.96 -1.09 8.36
N ASN D 86 33.12 0.22 8.13
CA ASN D 86 32.86 1.21 9.17
C ASN D 86 31.77 2.20 8.76
N ALA D 87 31.15 2.82 9.76
CA ALA D 87 30.06 3.77 9.53
C ALA D 87 28.98 3.16 8.64
N LEU D 88 28.64 1.91 8.92
CA LEU D 88 27.62 1.20 8.16
C LEU D 88 26.29 1.95 8.21
N ARG D 89 25.50 1.79 7.16
CA ARG D 89 24.19 2.43 7.09
C ARG D 89 23.14 1.45 6.60
N THR D 90 21.87 1.81 6.77
CA THR D 90 20.76 0.92 6.47
C THR D 90 20.87 0.30 5.07
N GLU D 91 21.31 1.09 4.09
CA GLU D 91 21.39 0.61 2.71
C GLU D 91 22.69 -0.12 2.40
N ASP D 92 23.44 -0.46 3.45
CA ASP D 92 24.58 -1.37 3.30
C ASP D 92 24.10 -2.80 3.57
N SER D 93 22.84 -2.93 3.98
CA SER D 93 22.25 -4.24 4.22
C SER D 93 22.20 -5.07 2.94
N ALA D 94 22.83 -6.22 2.96
CA ALA D 94 22.86 -7.12 1.80
C ALA D 94 23.61 -8.39 2.14
N THR D 95 23.66 -9.31 1.18
CA THR D 95 24.50 -10.50 1.30
C THR D 95 25.86 -10.20 0.68
N TYR D 96 26.92 -10.39 1.46
CA TYR D 96 28.27 -10.05 1.02
C TYR D 96 29.04 -11.28 0.56
N TYR D 97 29.60 -11.20 -0.65
CA TYR D 97 30.27 -12.32 -1.28
C TYR D 97 31.77 -12.12 -1.41
N CYS D 98 32.51 -13.15 -1.05
CA CYS D 98 33.92 -13.23 -1.39
C CYS D 98 34.03 -13.92 -2.74
N VAL D 99 34.68 -13.27 -3.69
CA VAL D 99 34.79 -13.83 -5.04
C VAL D 99 36.14 -13.58 -5.69
N ARG D 100 36.68 -14.63 -6.31
CA ARG D 100 38.00 -14.59 -6.91
C ARG D 100 37.93 -14.08 -8.35
N GLN D 101 38.94 -13.32 -8.75
CA GLN D 101 39.10 -12.96 -10.16
C GLN D 101 40.12 -13.87 -10.81
N GLY D 102 39.65 -14.67 -11.77
CA GLY D 102 40.52 -15.61 -12.46
C GLY D 102 40.97 -15.11 -13.81
N ARG D 103 41.19 -16.06 -14.72
CA ARG D 103 41.64 -15.75 -16.08
C ARG D 103 40.63 -14.86 -16.81
N GLY D 104 41.13 -13.86 -17.52
CA GLY D 104 40.28 -12.99 -18.33
C GLY D 104 39.48 -11.98 -17.53
N TYR D 105 40.04 -11.52 -16.40
CA TYR D 105 39.37 -10.58 -15.52
C TYR D 105 37.94 -11.02 -15.18
N THR D 106 37.71 -12.33 -15.10
CA THR D 106 36.35 -12.85 -15.04
C THR D 106 35.59 -12.60 -13.74
N LEU D 107 36.13 -13.13 -12.64
CA LEU D 107 35.39 -13.30 -11.38
C LEU D 107 34.67 -14.63 -11.46
N ASP D 108 35.43 -15.71 -11.37
CA ASP D 108 34.91 -17.04 -11.66
C ASP D 108 34.15 -17.68 -10.50
N TYR D 109 34.78 -17.79 -9.34
CA TYR D 109 34.19 -18.51 -8.23
C TYR D 109 33.70 -17.60 -7.10
N TRP D 110 32.44 -17.80 -6.69
CA TRP D 110 31.83 -17.02 -5.63
C TRP D 110 31.71 -17.87 -4.37
N GLY D 111 31.80 -17.21 -3.20
CA GLY D 111 31.58 -17.89 -1.93
C GLY D 111 30.10 -18.03 -1.66
N GLN D 112 29.74 -18.67 -0.55
CA GLN D 112 28.33 -18.87 -0.22
C GLN D 112 27.68 -17.59 0.30
N GLY D 113 28.50 -16.65 0.72
CA GLY D 113 28.02 -15.36 1.17
C GLY D 113 27.72 -15.29 2.66
N THR D 114 27.88 -14.11 3.25
CA THR D 114 27.51 -13.88 4.64
C THR D 114 26.55 -12.70 4.74
N SER D 115 25.48 -12.88 5.50
CA SER D 115 24.40 -11.89 5.55
C SER D 115 24.73 -10.74 6.50
N VAL D 116 24.36 -9.54 6.09
CA VAL D 116 24.58 -8.34 6.90
C VAL D 116 23.31 -7.51 6.96
N THR D 117 22.81 -7.29 8.17
CA THR D 117 21.64 -6.44 8.37
C THR D 117 21.97 -5.29 9.30
N VAL D 118 21.90 -4.07 8.77
CA VAL D 118 22.16 -2.88 9.57
C VAL D 118 20.85 -2.13 9.85
N SER D 119 20.47 -2.09 11.13
CA SER D 119 19.19 -1.54 11.54
C SER D 119 19.16 -1.18 13.01
N SER D 120 18.20 -0.34 13.40
CA SER D 120 18.00 0.04 14.78
C SER D 120 17.10 -0.97 15.50
N ALA D 121 16.27 -1.65 14.71
CA ALA D 121 15.34 -2.63 15.26
C ALA D 121 16.08 -3.66 16.10
N LYS D 122 15.47 -4.02 17.23
CA LYS D 122 16.09 -4.98 18.14
C LYS D 122 15.56 -6.38 17.84
N THR D 123 16.37 -7.39 18.17
CA THR D 123 15.98 -8.78 17.98
C THR D 123 14.67 -9.05 18.71
N THR D 124 13.71 -9.64 18.01
CA THR D 124 12.39 -9.89 18.58
C THR D 124 11.84 -11.23 18.14
N ALA D 125 11.37 -12.03 19.09
CA ALA D 125 10.80 -13.33 18.80
C ALA D 125 9.50 -13.18 18.03
N PRO D 126 9.14 -14.20 17.23
CA PRO D 126 7.90 -14.16 16.45
C PRO D 126 6.70 -14.63 17.28
N SER D 127 5.52 -14.11 16.96
CA SER D 127 4.28 -14.70 17.43
C SER D 127 3.74 -15.57 16.30
N VAL D 128 3.39 -16.81 16.61
CA VAL D 128 2.92 -17.74 15.60
C VAL D 128 1.46 -18.09 15.80
N TYR D 129 0.63 -17.70 14.83
CA TYR D 129 -0.81 -17.91 14.93
C TYR D 129 -1.30 -18.89 13.88
N PRO D 130 -2.13 -19.85 14.31
CA PRO D 130 -2.72 -20.83 13.41
C PRO D 130 -3.82 -20.18 12.57
N LEU D 131 -3.86 -20.48 11.28
CA LEU D 131 -4.92 -19.98 10.42
C LEU D 131 -5.88 -21.11 10.08
N ALA D 132 -6.99 -21.17 10.81
CA ALA D 132 -7.99 -22.21 10.60
C ALA D 132 -9.12 -21.69 9.72
N PRO D 133 -9.71 -22.58 8.93
CA PRO D 133 -10.80 -22.21 8.00
C PRO D 133 -11.92 -21.50 8.73
N VAL D 134 -12.60 -20.58 8.03
CA VAL D 134 -13.71 -19.86 8.61
C VAL D 134 -14.82 -20.83 9.02
N CYS D 135 -15.46 -20.56 10.16
CA CYS D 135 -16.49 -21.44 10.69
C CYS D 135 -17.45 -21.94 9.61
N THR D 139 -17.83 -25.62 2.13
CA THR D 139 -18.10 -26.98 2.58
C THR D 139 -16.84 -27.82 2.59
N GLY D 140 -16.52 -28.42 1.45
CA GLY D 140 -15.38 -29.30 1.35
C GLY D 140 -14.81 -29.44 -0.06
N SER D 141 -14.23 -30.61 -0.32
CA SER D 141 -13.50 -30.92 -1.55
C SER D 141 -11.99 -30.83 -1.30
N SER D 142 -11.53 -29.65 -0.91
CA SER D 142 -10.15 -29.45 -0.48
C SER D 142 -10.09 -28.26 0.46
N VAL D 143 -9.23 -28.34 1.47
CA VAL D 143 -9.16 -27.31 2.50
C VAL D 143 -7.81 -26.61 2.50
N THR D 144 -7.82 -25.29 2.70
CA THR D 144 -6.60 -24.51 2.80
C THR D 144 -6.40 -24.00 4.23
N LEU D 145 -5.30 -24.42 4.85
CA LEU D 145 -4.94 -23.94 6.17
C LEU D 145 -3.77 -22.97 6.06
N GLY D 146 -3.42 -22.30 7.15
CA GLY D 146 -2.34 -21.34 7.13
C GLY D 146 -1.56 -21.20 8.42
N CYS D 147 -0.46 -20.50 8.32
CA CYS D 147 0.39 -20.19 9.45
C CYS D 147 0.82 -18.74 9.35
N LEU D 148 0.55 -17.94 10.38
CA LEU D 148 0.94 -16.53 10.37
C LEU D 148 2.05 -16.28 11.38
N VAL D 149 3.19 -15.81 10.90
CA VAL D 149 4.33 -15.51 11.76
C VAL D 149 4.53 -14.00 11.81
N LYS D 150 4.24 -13.40 12.97
CA LYS D 150 4.16 -11.96 13.06
C LYS D 150 5.12 -11.33 14.09
N GLY D 151 5.62 -10.15 13.76
CA GLY D 151 6.39 -9.34 14.69
C GLY D 151 7.75 -9.88 15.11
N TYR D 152 8.57 -10.27 14.15
CA TYR D 152 9.92 -10.76 14.48
C TYR D 152 11.01 -9.95 13.79
N PHE D 153 12.22 -10.04 14.32
CA PHE D 153 13.39 -9.40 13.72
C PHE D 153 14.66 -9.96 14.32
N PRO D 154 15.69 -10.17 13.49
CA PRO D 154 15.65 -9.98 12.04
C PRO D 154 15.38 -11.30 11.33
N GLU D 155 15.48 -11.31 10.00
CA GLU D 155 15.41 -12.55 9.24
C GLU D 155 16.59 -13.43 9.62
N PRO D 156 16.48 -14.74 9.37
CA PRO D 156 15.32 -15.39 8.76
C PRO D 156 14.51 -16.20 9.78
N VAL D 157 13.38 -16.72 9.32
CA VAL D 157 12.65 -17.75 10.04
C VAL D 157 12.53 -18.95 9.13
N THR D 158 12.41 -20.13 9.72
CA THR D 158 12.14 -21.33 8.96
C THR D 158 10.75 -21.82 9.32
N LEU D 159 10.05 -22.39 8.34
CA LEU D 159 8.71 -22.89 8.56
C LEU D 159 8.47 -24.18 7.78
N THR D 160 8.01 -25.21 8.49
CA THR D 160 7.67 -26.48 7.87
C THR D 160 6.28 -26.92 8.30
N TRP D 161 5.75 -27.94 7.64
CA TRP D 161 4.45 -28.50 7.98
C TRP D 161 4.59 -29.98 8.35
N ASN D 162 4.16 -30.34 9.54
CA ASN D 162 4.31 -31.71 10.02
C ASN D 162 5.75 -32.20 9.88
N SER D 163 6.69 -31.35 10.28
CA SER D 163 8.10 -31.68 10.26
C SER D 163 8.59 -32.25 8.93
N GLY D 164 8.01 -31.77 7.83
CA GLY D 164 8.47 -32.16 6.51
C GLY D 164 7.67 -33.26 5.84
N SER D 165 6.75 -33.87 6.56
CA SER D 165 5.92 -34.94 5.99
C SER D 165 4.84 -34.36 5.09
N LEU D 166 4.63 -33.05 5.20
CA LEU D 166 3.70 -32.34 4.32
C LEU D 166 4.46 -31.25 3.59
N SER D 167 4.72 -31.47 2.30
CA SER D 167 5.51 -30.53 1.51
C SER D 167 4.79 -30.05 0.25
N SER D 168 3.89 -30.89 -0.28
CA SER D 168 3.15 -30.54 -1.49
C SER D 168 1.96 -29.64 -1.18
N GLY D 169 1.62 -28.77 -2.14
CA GLY D 169 0.50 -27.87 -1.97
C GLY D 169 0.78 -26.75 -0.99
N VAL D 170 2.06 -26.50 -0.74
CA VAL D 170 2.47 -25.48 0.21
C VAL D 170 2.90 -24.19 -0.50
N HIS D 171 2.54 -23.05 0.08
CA HIS D 171 3.04 -21.76 -0.37
C HIS D 171 3.57 -20.97 0.82
N THR D 172 4.88 -20.73 0.83
CA THR D 172 5.46 -19.92 1.88
C THR D 172 5.91 -18.60 1.30
N PHE D 173 5.37 -17.51 1.85
CA PHE D 173 5.55 -16.19 1.27
C PHE D 173 6.76 -15.47 1.84
N PRO D 174 7.46 -14.71 0.98
CA PRO D 174 8.64 -13.96 1.42
C PRO D 174 8.29 -13.06 2.59
N ALA D 175 9.23 -12.91 3.53
CA ALA D 175 9.00 -12.05 4.68
C ALA D 175 9.00 -10.60 4.22
N VAL D 176 8.15 -9.78 4.84
CA VAL D 176 8.11 -8.36 4.53
C VAL D 176 8.15 -7.50 5.79
N LEU D 177 8.92 -6.42 5.72
CA LEU D 177 9.17 -5.56 6.87
C LEU D 177 8.16 -4.42 6.94
N GLN D 178 7.60 -4.22 8.14
CA GLN D 178 6.73 -3.08 8.39
C GLN D 178 7.02 -2.50 9.77
N SER D 179 7.29 -1.20 9.80
CA SER D 179 7.62 -0.51 11.04
C SER D 179 8.50 -1.33 11.99
N GLY D 180 9.61 -1.83 11.47
CA GLY D 180 10.62 -2.47 12.30
C GLY D 180 10.52 -3.97 12.47
N LEU D 181 9.37 -4.55 12.14
CA LEU D 181 9.16 -5.98 12.36
C LEU D 181 8.70 -6.72 11.10
N TYR D 182 9.22 -7.93 10.92
CA TYR D 182 8.89 -8.76 9.76
C TYR D 182 7.61 -9.55 9.96
N THR D 183 6.89 -9.79 8.87
CA THR D 183 5.74 -10.69 8.87
C THR D 183 5.90 -11.77 7.81
N LEU D 184 5.59 -12.99 8.20
CA LEU D 184 5.76 -14.16 7.35
C LEU D 184 4.45 -14.95 7.39
N SER D 185 4.06 -15.53 6.26
CA SER D 185 2.90 -16.41 6.24
C SER D 185 3.09 -17.59 5.28
N SER D 186 2.41 -18.69 5.57
CA SER D 186 2.48 -19.89 4.73
C SER D 186 1.09 -20.53 4.65
N SER D 187 0.74 -21.02 3.46
CA SER D 187 -0.52 -21.72 3.28
C SER D 187 -0.27 -23.16 2.85
N VAL D 188 -1.22 -24.03 3.16
CA VAL D 188 -1.14 -25.42 2.71
C VAL D 188 -2.55 -25.93 2.46
N THR D 189 -2.75 -26.63 1.35
CA THR D 189 -4.06 -27.16 1.04
C THR D 189 -4.03 -28.68 0.91
N VAL D 190 -4.95 -29.34 1.60
CA VAL D 190 -5.04 -30.79 1.58
C VAL D 190 -6.46 -31.21 1.24
N THR D 191 -6.66 -32.50 1.04
CA THR D 191 -7.98 -33.04 0.78
C THR D 191 -8.87 -32.90 2.02
N SER D 192 -10.17 -32.72 1.80
CA SER D 192 -11.12 -32.62 2.90
C SER D 192 -11.08 -33.86 3.78
N SER D 193 -10.46 -34.93 3.28
CA SER D 193 -10.42 -36.19 4.00
C SER D 193 -9.21 -36.29 4.94
N THR D 194 -8.14 -35.59 4.63
CA THR D 194 -6.92 -35.66 5.43
C THR D 194 -6.99 -34.74 6.65
N TRP D 195 -7.79 -33.68 6.55
CA TRP D 195 -7.97 -32.76 7.67
C TRP D 195 -9.45 -32.52 7.92
N PRO D 196 -9.86 -32.44 9.19
CA PRO D 196 -9.02 -32.48 10.39
C PRO D 196 -8.78 -33.89 10.94
N SER D 197 -9.04 -34.92 10.16
CA SER D 197 -8.85 -36.29 10.63
C SER D 197 -7.39 -36.56 10.96
N GLN D 198 -6.49 -36.00 10.15
CA GLN D 198 -5.06 -36.09 10.41
C GLN D 198 -4.55 -34.74 10.91
N SER D 199 -3.75 -34.78 11.97
CA SER D 199 -3.22 -33.56 12.56
C SER D 199 -2.30 -32.83 11.59
N ILE D 200 -2.39 -31.51 11.58
CA ILE D 200 -1.50 -30.69 10.77
C ILE D 200 -0.97 -29.53 11.60
N THR D 201 0.35 -29.38 11.60
CA THR D 201 1.02 -28.41 12.45
C THR D 201 2.13 -27.71 11.69
N CYS D 202 2.24 -26.40 11.88
CA CYS D 202 3.35 -25.68 11.28
C CYS D 202 4.47 -25.50 12.30
N ASN D 203 5.69 -25.81 11.90
CA ASN D 203 6.85 -25.74 12.77
C ASN D 203 7.68 -24.52 12.41
N VAL D 204 7.81 -23.60 13.34
CA VAL D 204 8.48 -22.33 13.06
C VAL D 204 9.71 -22.15 13.94
N ALA D 205 10.81 -21.75 13.32
CA ALA D 205 12.07 -21.57 14.04
C ALA D 205 12.68 -20.20 13.73
N HIS D 206 13.14 -19.53 14.78
CA HIS D 206 13.77 -18.21 14.65
C HIS D 206 15.06 -18.16 15.46
N PRO D 207 16.17 -18.64 14.87
CA PRO D 207 17.46 -18.76 15.56
C PRO D 207 17.89 -17.50 16.29
N ALA D 208 17.71 -16.34 15.66
CA ALA D 208 18.15 -15.08 16.26
C ALA D 208 17.59 -14.86 17.65
N SER D 209 16.40 -15.39 17.91
CA SER D 209 15.77 -15.22 19.21
C SER D 209 15.66 -16.54 19.96
N SER D 210 16.40 -17.55 19.50
CA SER D 210 16.38 -18.86 20.14
C SER D 210 14.94 -19.38 20.26
N THR D 211 14.10 -19.05 19.30
CA THR D 211 12.70 -19.44 19.32
C THR D 211 12.43 -20.66 18.45
N LYS D 212 11.74 -21.65 19.02
CA LYS D 212 11.25 -22.80 18.26
C LYS D 212 9.83 -23.12 18.70
N VAL D 213 8.90 -23.08 17.76
CA VAL D 213 7.47 -23.19 18.09
C VAL D 213 6.69 -24.09 17.13
N ASP D 214 5.87 -24.97 17.69
CA ASP D 214 4.96 -25.82 16.92
C ASP D 214 3.52 -25.42 17.21
N LYS D 215 2.76 -25.11 16.17
CA LYS D 215 1.36 -24.69 16.36
C LYS D 215 0.41 -25.54 15.52
N LYS D 216 -0.43 -26.31 16.22
CA LYS D 216 -1.39 -27.22 15.58
C LYS D 216 -2.59 -26.44 15.06
N ILE D 217 -3.09 -26.82 13.89
CA ILE D 217 -4.24 -26.16 13.31
C ILE D 217 -5.52 -26.86 13.73
N GLU D 218 -6.27 -26.22 14.62
CA GLU D 218 -7.53 -26.76 15.13
C GLU D 218 -8.72 -26.14 14.41
N PRO D 219 -9.68 -26.97 13.99
CA PRO D 219 -10.93 -26.47 13.39
C PRO D 219 -11.67 -25.60 14.40
N GLU D 220 -12.59 -24.76 13.90
CA GLU D 220 -13.40 -23.89 14.75
C GLU D 220 -13.18 -24.10 16.24
#